data_8TFG
#
_entry.id   8TFG
#
_cell.length_a   64.371
_cell.length_b   92.876
_cell.length_c   139.931
_cell.angle_alpha   90.000
_cell.angle_beta   90.000
_cell.angle_gamma   90.000
#
_symmetry.space_group_name_H-M   'P 21 21 21'
#
loop_
_entity.id
_entity.type
_entity.pdbx_description
1 polymer 'DNA topoisomerase 1'
2 non-polymer 1,2-ETHANEDIOL
3 non-polymer 'ACETATE ION'
4 water water
#
_entity_poly.entity_id   1
_entity_poly.type   'polypeptide(L)'
_entity_poly.pdbx_seq_one_letter_code
;GRRLVIVESPTKARKLASYLGSGYIVESSRGHIRDLPRAASDVPAKYKSQPWARLGVNVDADFEPLYIISPEKRSTVSEL
RGLLKDVDELYLATDGDREGEAIAWHLLETLKPRIPVKRMVFHEITEPAIRAAAEHPRDLDIDLVDAQETRRILDRLYGY
EVSPVLWKKVAPKLSAGRVQSVATRIIVARERDRMAFRSAAYWDILAKLDASVSDPDAAPPTFSARLTAVAGRRVATGRD
FDSLGTLRKGDEVIVLDEGSATALAAGLDGTQLTVASAEEKPYARRPYPPFMTSTLQQEASRKLRFSAERTMSIAQRLYE
NGYITYMRTDSTTLSESAINAARTQARQLYGDEYVAPAPRQYTRKVKNAQEAHEAIRPAGETFATPDAVRRELDGPNIDD
FRLYELIWQRTVASQMADARGMTLSLRITGMSGHQEVVFSATGRTLTFPGFLKAYVETVDELVGGEADDAERRLPHLTPG
QRLDIVELTPDGHATNPPARYTEASLVKALEELGIGRPSTYSSIIKTIQDRGYVHKKGSALVPSWVAFAVTGLLEQHFGR
LVDYDFTAAMEDELDEIAAGNERRTNWLNNFYFGGDHGVPDSVARSGGLKKLVGINLEGIDAREVNSIKLFDDTHGRPIY
VRVGKNGPYLERLVAGDTGEPTPQRANLSDSITPDELTLQVAEELFAT
;
_entity_poly.pdbx_strand_id   A
#
# COMPACT_ATOMS: atom_id res chain seq x y z
N GLY A 1 -21.06 -40.66 17.70
CA GLY A 1 -20.20 -40.18 16.64
C GLY A 1 -20.27 -38.67 16.54
N ARG A 2 -19.73 -37.98 17.53
CA ARG A 2 -19.75 -36.53 17.58
C ARG A 2 -18.34 -36.02 17.29
N ARG A 3 -18.28 -34.92 16.54
CA ARG A 3 -17.03 -34.29 16.16
C ARG A 3 -17.03 -32.84 16.61
N LEU A 4 -15.94 -32.38 17.23
CA LEU A 4 -15.75 -30.98 17.59
C LEU A 4 -14.94 -30.32 16.48
N VAL A 5 -15.40 -29.15 16.00
CA VAL A 5 -14.69 -28.38 14.99
C VAL A 5 -14.43 -26.98 15.56
N ILE A 6 -13.18 -26.49 15.47
CA ILE A 6 -12.79 -25.19 15.99
C ILE A 6 -12.32 -24.29 14.85
N VAL A 7 -12.89 -23.10 14.81
CA VAL A 7 -12.50 -22.04 13.89
C VAL A 7 -12.25 -20.77 14.73
N GLU A 8 -11.80 -19.70 14.06
CA GLU A 8 -11.44 -18.48 14.76
C GLU A 8 -12.63 -17.64 15.23
N SER A 9 -13.76 -17.64 14.53
CA SER A 9 -14.80 -16.66 14.80
C SER A 9 -16.19 -17.29 14.80
N PRO A 10 -17.14 -16.69 15.55
CA PRO A 10 -18.51 -17.25 15.55
C PRO A 10 -19.19 -17.20 14.18
N THR A 11 -18.95 -16.15 13.37
CA THR A 11 -19.61 -16.11 12.05
C THR A 11 -19.15 -17.28 11.20
N LYS A 12 -17.84 -17.52 11.18
CA LYS A 12 -17.29 -18.68 10.49
C LYS A 12 -17.81 -19.98 11.07
N ALA A 13 -17.97 -20.06 12.40
CA ALA A 13 -18.47 -21.28 13.00
C ALA A 13 -19.90 -21.60 12.54
N ARG A 14 -20.79 -20.60 12.50
CA ARG A 14 -22.14 -20.86 12.03
C ARG A 14 -22.15 -21.27 10.57
N LYS A 15 -21.34 -20.58 9.73
CA LYS A 15 -21.30 -20.93 8.32
C LYS A 15 -20.76 -22.34 8.09
N LEU A 16 -19.65 -22.73 8.78
CA LEU A 16 -19.23 -24.13 8.63
C LEU A 16 -20.30 -25.11 9.10
N ALA A 17 -20.95 -24.84 10.23
CA ALA A 17 -21.93 -25.80 10.75
C ALA A 17 -23.06 -26.02 9.77
N SER A 18 -23.43 -24.96 9.04
CA SER A 18 -24.48 -25.06 8.02
C SER A 18 -24.12 -26.04 6.90
N TYR A 19 -22.84 -26.22 6.61
CA TYR A 19 -22.47 -27.16 5.54
C TYR A 19 -22.09 -28.56 6.05
N LEU A 20 -21.59 -28.68 7.29
CA LEU A 20 -21.16 -29.96 7.84
C LEU A 20 -22.32 -30.79 8.36
N GLY A 21 -23.36 -30.14 8.89
CA GLY A 21 -24.56 -30.82 9.30
C GLY A 21 -24.43 -31.58 10.61
N SER A 22 -25.27 -32.61 10.72
CA SER A 22 -25.46 -33.33 11.96
C SER A 22 -24.20 -34.08 12.34
N GLY A 23 -23.93 -34.11 13.66
CA GLY A 23 -22.77 -34.81 14.13
C GLY A 23 -21.52 -33.96 14.24
N TYR A 24 -21.59 -32.68 13.92
CA TYR A 24 -20.47 -31.77 14.06
C TYR A 24 -20.90 -30.65 15.00
N ILE A 25 -20.10 -30.36 16.00
CA ILE A 25 -20.30 -29.21 16.86
C ILE A 25 -19.20 -28.22 16.49
N VAL A 26 -19.55 -27.01 16.03
CA VAL A 26 -18.53 -26.06 15.52
C VAL A 26 -18.47 -24.88 16.49
N GLU A 27 -17.29 -24.65 17.04
CA GLU A 27 -17.10 -23.66 18.08
C GLU A 27 -16.00 -22.71 17.65
N SER A 28 -15.98 -21.55 18.29
CA SER A 28 -15.07 -20.49 17.93
C SER A 28 -14.02 -20.35 19.03
N SER A 29 -12.76 -20.11 18.64
CA SER A 29 -11.71 -19.83 19.62
C SER A 29 -11.55 -18.36 19.92
N ARG A 30 -12.27 -17.50 19.19
CA ARG A 30 -12.05 -16.05 19.21
C ARG A 30 -10.59 -15.71 18.93
N GLY A 31 -9.98 -16.37 17.93
CA GLY A 31 -8.62 -16.02 17.56
C GLY A 31 -7.57 -16.79 18.34
N HIS A 32 -6.45 -16.14 18.68
CA HIS A 32 -5.45 -16.80 19.52
C HIS A 32 -6.00 -17.05 20.92
N ILE A 33 -5.57 -18.15 21.54
CA ILE A 33 -5.92 -18.45 22.93
C ILE A 33 -4.72 -18.28 23.89
N ARG A 34 -3.51 -18.19 23.36
CA ARG A 34 -2.31 -18.02 24.15
C ARG A 34 -1.49 -16.87 23.61
N ASP A 35 -0.59 -16.38 24.47
CA ASP A 35 0.31 -15.31 24.02
C ASP A 35 1.48 -15.30 24.99
N LEU A 36 2.49 -14.50 24.65
CA LEU A 36 3.53 -14.23 25.63
C LEU A 36 2.95 -13.39 26.76
N PRO A 37 3.59 -13.39 27.95
CA PRO A 37 3.06 -12.57 29.07
C PRO A 37 2.93 -11.10 28.69
N ARG A 38 1.81 -10.49 29.09
CA ARG A 38 1.56 -9.07 28.88
C ARG A 38 1.79 -8.24 30.14
N ALA A 39 1.95 -8.86 31.30
CA ALA A 39 2.21 -8.17 32.56
C ALA A 39 2.80 -9.17 33.53
N ALA A 40 3.31 -8.65 34.65
CA ALA A 40 3.90 -9.53 35.66
C ALA A 40 2.91 -10.59 36.11
N SER A 41 1.63 -10.22 36.26
CA SER A 41 0.66 -11.18 36.80
C SER A 41 0.32 -12.31 35.84
N ASP A 42 0.70 -12.22 34.56
CA ASP A 42 0.50 -13.34 33.64
C ASP A 42 1.50 -14.47 33.90
N VAL A 43 2.56 -14.23 34.67
CA VAL A 43 3.58 -15.26 34.84
C VAL A 43 3.07 -16.27 35.87
N PRO A 44 2.87 -17.55 35.51
CA PRO A 44 2.41 -18.52 36.51
C PRO A 44 3.47 -18.76 37.59
N ALA A 45 2.99 -19.24 38.75
CA ALA A 45 3.86 -19.45 39.91
C ALA A 45 5.12 -20.28 39.57
N LYS A 46 4.96 -21.31 38.72
CA LYS A 46 6.07 -22.18 38.34
C LYS A 46 7.22 -21.41 37.68
N TYR A 47 6.89 -20.37 36.94
CA TYR A 47 7.91 -19.61 36.23
C TYR A 47 8.35 -18.32 36.94
N LYS A 48 7.82 -18.01 38.11
CA LYS A 48 8.25 -16.79 38.81
C LYS A 48 9.70 -16.89 39.28
N SER A 49 10.25 -18.11 39.32
CA SER A 49 11.67 -18.28 39.63
C SER A 49 12.58 -18.03 38.42
N GLN A 50 12.04 -17.70 37.24
CA GLN A 50 12.85 -17.50 36.05
C GLN A 50 12.94 -16.01 35.77
N PRO A 51 14.11 -15.39 35.84
CA PRO A 51 14.15 -13.93 35.68
C PRO A 51 13.71 -13.46 34.31
N TRP A 52 13.77 -14.31 33.28
CA TRP A 52 13.33 -13.98 31.95
C TRP A 52 11.80 -14.11 31.74
N ALA A 53 11.05 -14.61 32.72
CA ALA A 53 9.65 -15.01 32.44
C ALA A 53 8.75 -13.82 32.08
N ARG A 54 8.95 -12.64 32.71
CA ARG A 54 8.15 -11.49 32.30
C ARG A 54 8.40 -11.11 30.83
N LEU A 55 9.68 -11.08 30.39
CA LEU A 55 9.91 -10.85 28.97
C LEU A 55 9.27 -11.99 28.15
N GLY A 56 9.26 -13.20 28.68
CA GLY A 56 8.50 -14.27 28.00
C GLY A 56 9.31 -15.09 27.03
N VAL A 57 10.62 -14.84 26.93
CA VAL A 57 11.52 -15.47 25.96
C VAL A 57 12.82 -15.73 26.69
N ASN A 58 13.31 -16.96 26.64
CA ASN A 58 14.61 -17.29 27.25
C ASN A 58 15.65 -17.28 26.15
N VAL A 59 16.31 -16.14 25.97
CA VAL A 59 17.22 -15.99 24.85
C VAL A 59 18.42 -16.88 25.03
N ASP A 60 18.63 -17.37 26.25
CA ASP A 60 19.79 -18.24 26.50
C ASP A 60 19.47 -19.72 26.35
N ALA A 61 18.23 -20.06 26.00
CA ALA A 61 17.83 -21.44 25.75
C ALA A 61 17.10 -21.51 24.41
N ASP A 62 17.75 -20.98 23.39
CA ASP A 62 17.22 -21.02 22.04
C ASP A 62 15.86 -20.36 21.94
N PHE A 63 15.70 -19.25 22.71
CA PHE A 63 14.53 -18.35 22.55
C PHE A 63 13.24 -19.08 22.89
N GLU A 64 13.34 -19.96 23.90
CA GLU A 64 12.19 -20.71 24.37
C GLU A 64 11.09 -19.76 24.83
N PRO A 65 9.86 -19.88 24.33
CA PRO A 65 8.78 -18.97 24.77
C PRO A 65 8.03 -19.49 25.98
N LEU A 66 7.49 -18.55 26.75
CA LEU A 66 6.52 -18.82 27.80
C LEU A 66 5.16 -18.40 27.25
N TYR A 67 4.38 -19.37 26.77
CA TYR A 67 3.01 -19.08 26.33
C TYR A 67 2.05 -19.29 27.49
N ILE A 68 1.20 -18.29 27.73
CA ILE A 68 0.24 -18.36 28.82
C ILE A 68 -1.15 -18.09 28.23
N ILE A 69 -2.19 -18.52 28.96
CA ILE A 69 -3.55 -18.27 28.48
C ILE A 69 -3.95 -16.89 28.94
N SER A 70 -4.27 -16.02 28.00
CA SER A 70 -4.69 -14.67 28.33
C SER A 70 -5.93 -14.72 29.22
N PRO A 71 -6.00 -13.88 30.26
CA PRO A 71 -7.08 -14.05 31.24
C PRO A 71 -8.48 -13.93 30.62
N GLU A 72 -8.64 -13.09 29.60
CA GLU A 72 -9.90 -12.97 28.89
C GLU A 72 -10.20 -14.18 28.00
N LYS A 73 -9.26 -15.11 27.84
CA LYS A 73 -9.50 -16.34 27.06
C LYS A 73 -9.64 -17.59 27.91
N ARG A 74 -9.55 -17.49 29.24
CA ARG A 74 -9.62 -18.67 30.08
C ARG A 74 -10.93 -19.40 29.95
N SER A 75 -12.06 -18.67 29.92
CA SER A 75 -13.35 -19.34 29.86
C SER A 75 -13.55 -20.03 28.51
N THR A 76 -13.03 -19.43 27.44
CA THR A 76 -13.03 -20.11 26.14
C THR A 76 -12.26 -21.42 26.19
N VAL A 77 -11.03 -21.40 26.69
CA VAL A 77 -10.27 -22.65 26.83
C VAL A 77 -11.05 -23.64 27.70
N SER A 78 -11.62 -23.16 28.81
CA SER A 78 -12.37 -24.06 29.68
C SER A 78 -13.56 -24.70 28.98
N GLU A 79 -14.34 -23.92 28.22
CA GLU A 79 -15.45 -24.55 27.47
C GLU A 79 -14.96 -25.56 26.44
N LEU A 80 -13.92 -25.20 25.67
CA LEU A 80 -13.40 -26.12 24.66
C LEU A 80 -12.95 -27.44 25.29
N ARG A 81 -12.24 -27.37 26.44
CA ARG A 81 -11.82 -28.59 27.14
C ARG A 81 -13.02 -29.45 27.54
N GLY A 82 -14.07 -28.82 28.05
CA GLY A 82 -15.24 -29.58 28.43
C GLY A 82 -15.93 -30.23 27.25
N LEU A 83 -16.01 -29.51 26.11
CA LEU A 83 -16.62 -30.07 24.91
C LEU A 83 -15.81 -31.23 24.36
N LEU A 84 -14.49 -31.12 24.47
CA LEU A 84 -13.60 -32.12 23.92
C LEU A 84 -13.79 -33.46 24.58
N LYS A 85 -14.10 -33.46 25.88
CA LYS A 85 -14.34 -34.68 26.65
C LYS A 85 -15.48 -35.53 26.08
N ASP A 86 -16.30 -35.02 25.16
CA ASP A 86 -17.53 -35.69 24.74
C ASP A 86 -17.60 -35.94 23.23
N VAL A 87 -16.48 -35.85 22.52
CA VAL A 87 -16.47 -36.09 21.09
C VAL A 87 -15.44 -37.18 20.78
N ASP A 88 -15.64 -37.82 19.63
CA ASP A 88 -14.74 -38.85 19.14
C ASP A 88 -13.62 -38.32 18.25
N GLU A 89 -13.73 -37.10 17.72
CA GLU A 89 -12.67 -36.56 16.88
C GLU A 89 -12.69 -35.04 16.99
N LEU A 90 -11.51 -34.45 16.75
CA LEU A 90 -11.32 -33.00 16.76
C LEU A 90 -10.87 -32.54 15.38
N TYR A 91 -11.56 -31.56 14.80
CA TYR A 91 -11.20 -30.93 13.55
C TYR A 91 -10.73 -29.52 13.83
N LEU A 92 -9.56 -29.13 13.31
CA LEU A 92 -9.10 -27.75 13.45
C LEU A 92 -9.22 -27.09 12.08
N ALA A 93 -10.06 -26.06 11.99
CA ALA A 93 -10.44 -25.51 10.70
C ALA A 93 -10.10 -24.02 10.65
N THR A 94 -8.97 -23.66 11.22
CA THR A 94 -8.45 -22.29 11.12
C THR A 94 -7.89 -22.06 9.73
N ASP A 95 -7.63 -20.77 9.38
CA ASP A 95 -7.01 -20.43 8.11
C ASP A 95 -5.72 -21.22 7.93
N GLY A 96 -5.40 -21.54 6.66
CA GLY A 96 -4.21 -22.34 6.38
C GLY A 96 -2.91 -21.57 6.26
N ASP A 97 -2.93 -20.28 6.53
CA ASP A 97 -1.66 -19.55 6.51
C ASP A 97 -0.99 -19.66 7.90
N ARG A 98 0.20 -19.04 8.06
CA ARG A 98 0.99 -19.35 9.27
C ARG A 98 0.27 -18.84 10.50
N GLU A 99 -0.51 -17.76 10.39
CA GLU A 99 -1.26 -17.30 11.54
C GLU A 99 -2.26 -18.36 11.99
N GLY A 100 -3.09 -18.87 11.05
CA GLY A 100 -4.10 -19.88 11.40
C GLY A 100 -3.45 -21.22 11.79
N GLU A 101 -2.30 -21.54 11.19
CA GLU A 101 -1.59 -22.76 11.57
C GLU A 101 -1.10 -22.66 13.00
N ALA A 102 -0.58 -21.49 13.38
CA ALA A 102 -0.12 -21.28 14.75
C ALA A 102 -1.29 -21.35 15.73
N ILE A 103 -2.47 -20.80 15.37
CA ILE A 103 -3.62 -21.00 16.26
C ILE A 103 -3.95 -22.48 16.41
N ALA A 104 -3.91 -23.23 15.31
CA ALA A 104 -4.20 -24.66 15.43
C ALA A 104 -3.16 -25.32 16.35
N TRP A 105 -1.89 -24.98 16.16
CA TRP A 105 -0.85 -25.59 16.98
C TRP A 105 -1.07 -25.25 18.46
N HIS A 106 -1.43 -24.00 18.76
CA HIS A 106 -1.70 -23.65 20.14
C HIS A 106 -2.89 -24.43 20.70
N LEU A 107 -3.95 -24.62 19.91
CA LEU A 107 -5.08 -25.38 20.43
C LEU A 107 -4.64 -26.80 20.79
N LEU A 108 -3.79 -27.40 19.96
CA LEU A 108 -3.28 -28.73 20.28
C LEU A 108 -2.44 -28.73 21.54
N GLU A 109 -1.58 -27.72 21.70
CA GLU A 109 -0.71 -27.65 22.87
C GLU A 109 -1.52 -27.44 24.13
N THR A 110 -2.62 -26.70 24.04
CA THR A 110 -3.42 -26.34 25.20
C THR A 110 -4.45 -27.39 25.56
N LEU A 111 -5.13 -27.96 24.54
CA LEU A 111 -6.21 -28.91 24.75
C LEU A 111 -5.70 -30.32 24.96
N LYS A 112 -4.52 -30.65 24.44
CA LYS A 112 -3.89 -31.95 24.63
C LYS A 112 -4.84 -33.11 24.32
N PRO A 113 -5.33 -33.20 23.07
CA PRO A 113 -6.36 -34.21 22.73
C PRO A 113 -5.87 -35.64 22.94
N ARG A 114 -6.79 -36.53 23.33
CA ARG A 114 -6.54 -37.97 23.36
C ARG A 114 -7.32 -38.72 22.29
N ILE A 115 -7.74 -38.03 21.24
CA ILE A 115 -8.62 -38.55 20.20
C ILE A 115 -8.00 -38.13 18.86
N PRO A 116 -8.44 -38.68 17.74
CA PRO A 116 -7.85 -38.29 16.45
C PRO A 116 -8.09 -36.82 16.17
N VAL A 117 -7.16 -36.23 15.42
CA VAL A 117 -7.22 -34.82 15.04
C VAL A 117 -7.10 -34.71 13.53
N LYS A 118 -7.97 -33.91 12.91
CA LYS A 118 -7.93 -33.65 11.46
C LYS A 118 -7.75 -32.14 11.28
N ARG A 119 -6.70 -31.73 10.56
CA ARG A 119 -6.50 -30.31 10.27
C ARG A 119 -7.09 -30.00 8.88
N MET A 120 -8.15 -29.17 8.84
CA MET A 120 -8.94 -28.87 7.65
C MET A 120 -8.42 -27.55 7.05
N VAL A 121 -8.19 -27.49 5.73
CA VAL A 121 -7.74 -26.24 5.12
C VAL A 121 -8.59 -25.98 3.88
N PHE A 122 -9.05 -24.76 3.72
CA PHE A 122 -9.87 -24.37 2.59
C PHE A 122 -9.68 -22.88 2.39
N HIS A 123 -9.98 -22.38 1.17
CA HIS A 123 -9.87 -20.94 0.91
C HIS A 123 -11.17 -20.38 0.35
N GLU A 124 -12.26 -21.11 0.49
CA GLU A 124 -13.58 -20.52 0.33
C GLU A 124 -14.54 -21.37 1.14
N ILE A 125 -15.62 -20.76 1.59
CA ILE A 125 -16.51 -21.50 2.45
C ILE A 125 -17.76 -21.80 1.66
N THR A 126 -17.75 -22.94 0.98
CA THR A 126 -18.85 -23.45 0.18
C THR A 126 -19.07 -24.90 0.59
N GLU A 127 -20.25 -25.44 0.33
CA GLU A 127 -20.49 -26.84 0.71
C GLU A 127 -19.45 -27.79 0.08
N PRO A 128 -19.19 -27.74 -1.23
CA PRO A 128 -18.11 -28.59 -1.76
C PRO A 128 -16.74 -28.30 -1.17
N ALA A 129 -16.41 -27.05 -0.87
CA ALA A 129 -15.05 -26.81 -0.38
C ALA A 129 -14.90 -27.35 1.03
N ILE A 130 -15.94 -27.22 1.86
CA ILE A 130 -15.82 -27.64 3.25
C ILE A 130 -15.85 -29.16 3.36
N ARG A 131 -16.66 -29.80 2.53
CA ARG A 131 -16.72 -31.25 2.52
C ARG A 131 -15.38 -31.82 2.08
N ALA A 132 -14.83 -31.31 0.97
CA ALA A 132 -13.48 -31.71 0.54
C ALA A 132 -12.46 -31.54 1.68
N ALA A 133 -12.49 -30.42 2.37
CA ALA A 133 -11.42 -30.19 3.34
C ALA A 133 -11.54 -31.18 4.48
N ALA A 134 -12.77 -31.51 4.89
CA ALA A 134 -12.97 -32.43 6.01
C ALA A 134 -12.53 -33.84 5.63
N GLU A 135 -12.67 -34.21 4.36
CA GLU A 135 -12.31 -35.55 3.92
C GLU A 135 -10.84 -35.69 3.58
N HIS A 136 -10.15 -34.58 3.37
CA HIS A 136 -8.73 -34.60 2.99
C HIS A 136 -7.90 -33.68 3.89
N PRO A 137 -7.75 -34.01 5.18
CA PRO A 137 -7.01 -33.14 6.10
C PRO A 137 -5.55 -32.99 5.68
N ARG A 138 -4.94 -31.93 6.15
CA ARG A 138 -3.54 -31.60 5.83
C ARG A 138 -2.72 -31.87 7.09
N ASP A 139 -1.51 -32.40 6.91
CA ASP A 139 -0.63 -32.57 8.06
C ASP A 139 -0.24 -31.21 8.65
N LEU A 140 -0.13 -31.15 9.98
CA LEU A 140 0.25 -29.89 10.62
C LEU A 140 1.65 -29.50 10.14
N ASP A 141 1.79 -28.24 9.73
CA ASP A 141 3.00 -27.75 9.07
C ASP A 141 3.79 -26.96 10.11
N ILE A 142 4.81 -27.60 10.70
CA ILE A 142 5.56 -26.97 11.79
C ILE A 142 6.45 -25.85 11.27
N ASP A 143 6.79 -25.86 9.99
CA ASP A 143 7.56 -24.74 9.44
C ASP A 143 6.74 -23.45 9.44
N LEU A 144 5.43 -23.55 9.15
CA LEU A 144 4.55 -22.37 9.27
C LEU A 144 4.50 -21.91 10.73
N VAL A 145 4.30 -22.86 11.66
CA VAL A 145 4.22 -22.47 13.07
C VAL A 145 5.54 -21.80 13.50
N ASP A 146 6.69 -22.34 13.05
CA ASP A 146 7.98 -21.75 13.43
C ASP A 146 8.13 -20.35 12.85
N ALA A 147 7.64 -20.12 11.61
CA ALA A 147 7.74 -18.76 11.08
C ALA A 147 6.87 -17.79 11.88
N GLN A 148 5.66 -18.23 12.27
CA GLN A 148 4.81 -17.34 13.07
C GLN A 148 5.48 -17.05 14.40
N GLU A 149 6.06 -18.08 15.02
CA GLU A 149 6.66 -17.86 16.34
C GLU A 149 7.90 -16.98 16.22
N THR A 150 8.66 -17.13 15.13
CA THR A 150 9.84 -16.27 14.94
C THR A 150 9.43 -14.81 14.91
N ARG A 151 8.37 -14.50 14.17
CA ARG A 151 7.95 -13.10 14.13
C ARG A 151 7.42 -12.64 15.48
N ARG A 152 6.65 -13.49 16.18
CA ARG A 152 6.15 -13.09 17.51
C ARG A 152 7.31 -12.76 18.45
N ILE A 153 8.35 -13.61 18.45
CA ILE A 153 9.49 -13.38 19.35
C ILE A 153 10.31 -12.19 18.90
N LEU A 154 10.48 -12.06 17.59
CA LEU A 154 11.14 -10.87 17.04
C LEU A 154 10.46 -9.61 17.52
N ASP A 155 9.13 -9.57 17.40
CA ASP A 155 8.40 -8.36 17.82
C ASP A 155 8.58 -8.09 19.31
N ARG A 156 8.60 -9.17 20.12
CA ARG A 156 8.79 -8.99 21.57
C ARG A 156 10.20 -8.47 21.90
N LEU A 157 11.24 -9.01 21.23
CA LEU A 157 12.63 -8.60 21.49
C LEU A 157 12.88 -7.20 20.98
N TYR A 158 12.31 -6.89 19.81
CA TYR A 158 12.46 -5.55 19.25
C TYR A 158 11.86 -4.53 20.20
N GLY A 159 10.65 -4.80 20.68
CA GLY A 159 10.01 -3.91 21.64
C GLY A 159 10.78 -3.81 22.95
N TYR A 160 11.27 -4.95 23.44
CA TYR A 160 12.06 -4.96 24.69
C TYR A 160 13.30 -4.07 24.58
N GLU A 161 14.01 -4.12 23.44
CA GLU A 161 15.26 -3.37 23.29
C GLU A 161 15.04 -1.92 22.87
N VAL A 162 14.04 -1.64 22.01
CA VAL A 162 13.92 -0.32 21.39
C VAL A 162 13.00 0.61 22.18
N SER A 163 11.91 0.08 22.75
CA SER A 163 10.99 0.93 23.51
C SER A 163 11.68 1.81 24.53
N PRO A 164 12.61 1.31 25.38
CA PRO A 164 13.21 2.19 26.39
C PRO A 164 13.96 3.34 25.76
N VAL A 165 14.57 3.15 24.58
CA VAL A 165 15.23 4.27 23.91
C VAL A 165 14.20 5.33 23.53
N LEU A 166 13.06 4.89 22.99
CA LEU A 166 12.02 5.86 22.62
C LEU A 166 11.51 6.62 23.83
N TRP A 167 11.31 5.91 24.96
CA TRP A 167 10.83 6.52 26.19
C TRP A 167 11.79 7.57 26.73
N LYS A 168 13.08 7.27 26.70
CA LYS A 168 14.04 8.16 27.30
C LYS A 168 14.33 9.36 26.41
N LYS A 169 14.33 9.14 25.08
CA LYS A 169 14.81 10.11 24.12
C LYS A 169 13.70 10.86 23.38
N VAL A 170 12.46 10.36 23.39
CA VAL A 170 11.39 11.07 22.68
C VAL A 170 10.26 11.41 23.65
N ALA A 171 9.49 10.39 24.06
CA ALA A 171 8.28 10.52 24.89
C ALA A 171 7.92 9.18 25.52
N PRO A 172 7.56 9.18 26.81
CA PRO A 172 7.05 7.96 27.47
C PRO A 172 5.84 7.33 26.82
N LYS A 173 5.00 8.07 26.12
CA LYS A 173 3.76 7.43 25.67
C LYS A 173 3.90 6.62 24.36
N LEU A 174 5.13 6.43 23.85
CA LEU A 174 5.35 5.82 22.54
C LEU A 174 5.56 4.32 22.65
N SER A 175 5.19 3.63 21.59
CA SER A 175 5.44 2.19 21.49
C SER A 175 6.35 1.92 20.30
N ALA A 176 7.31 1.02 20.48
CA ALA A 176 8.10 0.59 19.33
C ALA A 176 7.21 -0.17 18.35
N GLY A 177 7.56 -0.07 17.08
CA GLY A 177 6.95 -0.89 16.03
C GLY A 177 7.89 -0.89 14.84
N ARG A 178 8.51 -2.03 14.54
CA ARG A 178 9.62 -2.07 13.59
C ARG A 178 9.14 -1.75 12.16
N VAL A 179 8.21 -2.54 11.61
CA VAL A 179 7.76 -2.29 10.24
C VAL A 179 6.94 -1.00 10.19
N GLN A 180 6.20 -0.70 11.26
CA GLN A 180 5.52 0.59 11.37
C GLN A 180 6.47 1.76 11.20
N SER A 181 7.63 1.71 11.87
N SER A 181 7.64 1.68 11.81
CA SER A 181 8.60 2.82 11.76
CA SER A 181 8.58 2.80 11.76
C SER A 181 9.12 2.98 10.32
C SER A 181 9.14 2.97 10.35
N VAL A 182 9.19 1.89 9.57
CA VAL A 182 9.64 1.98 8.17
C VAL A 182 8.57 2.62 7.30
N ALA A 183 7.31 2.21 7.49
CA ALA A 183 6.24 2.86 6.76
C ALA A 183 6.15 4.34 7.13
N THR A 184 6.37 4.67 8.39
CA THR A 184 6.35 6.07 8.78
C THR A 184 7.49 6.84 8.11
N ARG A 185 8.66 6.19 7.99
CA ARG A 185 9.81 6.83 7.32
C ARG A 185 9.49 7.14 5.88
N ILE A 186 8.76 6.26 5.19
CA ILE A 186 8.38 6.49 3.80
C ILE A 186 7.58 7.79 3.71
N ILE A 187 6.65 7.99 4.65
N ILE A 187 6.64 7.97 4.64
CA ILE A 187 5.80 9.16 4.61
CA ILE A 187 5.79 9.16 4.63
C ILE A 187 6.57 10.41 5.05
C ILE A 187 6.57 10.41 5.05
N VAL A 188 7.42 10.27 6.07
CA VAL A 188 8.26 11.40 6.52
C VAL A 188 9.20 11.82 5.39
N ALA A 189 9.81 10.85 4.72
CA ALA A 189 10.78 11.22 3.67
C ALA A 189 10.12 12.00 2.54
N ARG A 190 8.90 11.60 2.17
CA ARG A 190 8.16 12.36 1.16
C ARG A 190 7.83 13.78 1.64
N GLU A 191 7.39 13.94 2.87
CA GLU A 191 7.15 15.27 3.41
C GLU A 191 8.42 16.13 3.41
N ARG A 192 9.54 15.52 3.79
CA ARG A 192 10.82 16.26 3.73
C ARG A 192 11.19 16.66 2.32
N ASP A 193 11.02 15.75 1.34
CA ASP A 193 11.17 16.12 -0.07
C ASP A 193 10.26 17.26 -0.47
N ARG A 194 9.00 17.28 0.00
CA ARG A 194 8.15 18.42 -0.36
C ARG A 194 8.63 19.70 0.31
N MET A 195 9.14 19.59 1.53
CA MET A 195 9.59 20.80 2.25
C MET A 195 10.82 21.41 1.57
N ALA A 196 11.66 20.56 0.97
CA ALA A 196 12.91 21.01 0.33
C ALA A 196 12.71 21.36 -1.14
N PHE A 197 11.55 21.00 -1.70
CA PHE A 197 11.24 21.28 -3.11
C PHE A 197 11.15 22.78 -3.43
N ARG A 198 11.72 23.20 -4.55
CA ARG A 198 11.57 24.58 -5.03
C ARG A 198 11.07 24.56 -6.48
N SER A 199 10.02 25.32 -6.75
CA SER A 199 9.37 25.30 -8.04
C SER A 199 10.16 26.12 -9.06
N ALA A 200 10.06 25.76 -10.34
CA ALA A 200 10.57 26.58 -11.43
C ALA A 200 9.42 26.94 -12.37
N ALA A 201 9.49 28.16 -12.92
CA ALA A 201 8.51 28.62 -13.90
C ALA A 201 8.98 28.31 -15.31
N TYR A 202 8.04 27.95 -16.19
CA TYR A 202 8.35 27.79 -17.61
C TYR A 202 7.08 28.06 -18.38
N TRP A 203 7.23 28.53 -19.63
CA TRP A 203 6.11 28.93 -20.48
C TRP A 203 6.14 28.17 -21.81
N ASP A 204 4.95 27.99 -22.39
CA ASP A 204 4.86 27.61 -23.77
C ASP A 204 3.65 28.31 -24.39
N ILE A 205 3.18 27.77 -25.50
CA ILE A 205 2.02 28.30 -26.22
C ILE A 205 1.07 27.15 -26.44
N LEU A 206 -0.17 27.33 -26.03
CA LEU A 206 -1.27 26.43 -26.37
C LEU A 206 -1.97 27.01 -27.59
N ALA A 207 -2.05 26.22 -28.66
CA ALA A 207 -2.73 26.61 -29.89
C ALA A 207 -3.98 25.76 -30.05
N LYS A 208 -5.08 26.41 -30.43
CA LYS A 208 -6.27 25.78 -30.99
C LYS A 208 -6.17 25.91 -32.50
N LEU A 209 -6.15 24.79 -33.20
CA LEU A 209 -5.95 24.76 -34.64
C LEU A 209 -7.23 24.24 -35.30
N ASP A 210 -7.57 24.81 -36.46
CA ASP A 210 -8.75 24.45 -37.23
C ASP A 210 -8.32 23.90 -38.58
N ALA A 211 -8.62 22.62 -38.82
CA ALA A 211 -8.33 21.95 -40.08
C ALA A 211 -9.55 21.82 -40.99
N SER A 212 -10.67 22.49 -40.67
CA SER A 212 -11.90 22.30 -41.45
C SER A 212 -11.83 23.02 -42.79
N VAL A 213 -11.03 24.08 -42.88
CA VAL A 213 -10.91 24.82 -44.14
C VAL A 213 -10.11 24.04 -45.18
N SER A 214 -9.11 23.28 -44.75
CA SER A 214 -8.29 22.49 -45.69
C SER A 214 -8.98 21.16 -46.05
N ASP A 215 -9.36 20.37 -45.06
CA ASP A 215 -10.07 19.10 -45.29
C ASP A 215 -11.46 19.27 -44.66
N PRO A 216 -12.52 19.36 -45.46
CA PRO A 216 -13.87 19.53 -44.88
C PRO A 216 -14.36 18.33 -44.07
N ASP A 217 -13.78 17.15 -44.25
CA ASP A 217 -14.20 15.97 -43.52
C ASP A 217 -13.40 15.74 -42.23
N ALA A 218 -12.58 16.71 -41.83
CA ALA A 218 -11.74 16.55 -40.65
C ALA A 218 -12.60 16.39 -39.40
N ALA A 219 -12.42 15.29 -38.68
CA ALA A 219 -13.20 15.00 -37.49
C ALA A 219 -12.31 14.54 -36.34
N PRO A 220 -12.19 15.31 -35.26
CA PRO A 220 -12.77 16.64 -35.01
C PRO A 220 -12.15 17.73 -35.89
N PRO A 221 -12.88 18.79 -36.20
CA PRO A 221 -12.32 19.87 -37.04
C PRO A 221 -11.38 20.82 -36.30
N THR A 222 -11.41 20.85 -34.97
CA THR A 222 -10.43 21.61 -34.22
C THR A 222 -9.75 20.68 -33.24
N PHE A 223 -8.56 21.09 -32.82
CA PHE A 223 -7.81 20.34 -31.83
C PHE A 223 -6.73 21.24 -31.25
N SER A 224 -6.15 20.78 -30.15
CA SER A 224 -5.16 21.54 -29.42
C SER A 224 -3.77 20.99 -29.67
N ALA A 225 -2.78 21.89 -29.67
CA ALA A 225 -1.40 21.48 -29.77
C ALA A 225 -0.57 22.45 -28.94
N ARG A 226 0.61 22.01 -28.50
CA ARG A 226 1.47 22.81 -27.65
C ARG A 226 2.82 23.05 -28.32
N LEU A 227 3.37 24.25 -28.12
CA LEU A 227 4.68 24.55 -28.69
C LEU A 227 5.74 23.67 -28.05
N THR A 228 6.51 22.94 -28.85
CA THR A 228 7.53 22.06 -28.29
C THR A 228 8.94 22.36 -28.81
N ALA A 229 9.11 23.12 -29.91
CA ALA A 229 10.46 23.48 -30.30
C ALA A 229 10.49 24.90 -30.87
N VAL A 230 11.64 25.57 -30.70
CA VAL A 230 11.90 26.87 -31.34
C VAL A 230 13.31 26.87 -31.92
N ALA A 231 13.41 27.12 -33.22
CA ALA A 231 14.68 27.20 -33.96
C ALA A 231 15.60 26.04 -33.60
N GLY A 232 15.01 24.85 -33.52
CA GLY A 232 15.74 23.61 -33.31
C GLY A 232 16.11 23.31 -31.87
N ARG A 233 15.66 24.12 -30.93
CA ARG A 233 15.85 23.89 -29.51
C ARG A 233 14.53 23.41 -28.95
N ARG A 234 14.54 22.25 -28.30
CA ARG A 234 13.34 21.80 -27.60
C ARG A 234 12.97 22.78 -26.50
N VAL A 235 11.65 23.06 -26.36
CA VAL A 235 11.13 23.90 -25.28
C VAL A 235 11.11 23.14 -23.96
N ALA A 236 11.54 23.81 -22.89
CA ALA A 236 11.58 23.18 -21.56
C ALA A 236 10.17 22.86 -21.05
N THR A 237 9.99 21.66 -20.51
CA THR A 237 8.75 21.30 -19.81
C THR A 237 9.06 21.05 -18.35
N GLY A 238 8.01 20.68 -17.60
CA GLY A 238 8.14 20.49 -16.15
C GLY A 238 9.11 19.36 -15.78
N ARG A 239 9.22 18.36 -16.62
CA ARG A 239 10.14 17.25 -16.32
C ARG A 239 11.61 17.61 -16.50
N ASP A 240 11.93 18.77 -17.04
CA ASP A 240 13.32 19.15 -17.32
C ASP A 240 14.02 19.82 -16.14
N PHE A 241 13.34 20.04 -15.02
CA PHE A 241 13.91 20.71 -13.85
C PHE A 241 14.14 19.74 -12.71
N ASP A 242 15.17 20.01 -11.90
CA ASP A 242 15.43 19.16 -10.74
C ASP A 242 14.59 19.69 -9.57
N SER A 243 14.70 18.99 -8.43
CA SER A 243 13.81 19.30 -7.29
C SER A 243 14.09 20.68 -6.70
N LEU A 244 15.18 21.35 -7.10
CA LEU A 244 15.42 22.71 -6.65
C LEU A 244 15.11 23.76 -7.71
N GLY A 245 14.51 23.39 -8.86
CA GLY A 245 14.15 24.37 -9.86
C GLY A 245 15.25 24.72 -10.86
N THR A 246 16.36 24.01 -10.87
CA THR A 246 17.45 24.12 -11.85
C THR A 246 17.32 23.05 -12.93
N LEU A 247 17.69 23.40 -14.15
CA LEU A 247 17.60 22.44 -15.27
C LEU A 247 18.43 21.19 -14.98
N ARG A 248 17.87 20.03 -15.34
CA ARG A 248 18.65 18.81 -15.34
C ARG A 248 19.78 18.89 -16.36
N LYS A 249 20.81 18.06 -16.11
CA LYS A 249 22.00 17.98 -16.99
C LYS A 249 21.72 16.98 -18.12
N GLY A 250 20.76 17.32 -18.96
CA GLY A 250 20.46 16.48 -20.12
C GLY A 250 20.62 17.25 -21.41
N ASP A 251 19.80 16.90 -22.41
CA ASP A 251 19.82 17.60 -23.69
C ASP A 251 19.49 19.08 -23.50
N GLU A 252 20.00 19.91 -24.40
CA GLU A 252 19.77 21.35 -24.30
C GLU A 252 18.30 21.64 -24.54
N VAL A 253 17.75 22.58 -23.77
CA VAL A 253 16.38 23.10 -23.96
C VAL A 253 16.46 24.62 -23.97
N ILE A 254 15.37 25.27 -24.39
CA ILE A 254 15.17 26.70 -24.18
C ILE A 254 14.02 26.89 -23.19
N VAL A 255 14.27 27.65 -22.12
CA VAL A 255 13.24 27.96 -21.13
C VAL A 255 12.58 29.25 -21.55
N LEU A 256 11.32 29.20 -21.95
CA LEU A 256 10.59 30.40 -22.30
C LEU A 256 9.96 31.06 -21.07
N ASP A 257 9.81 32.39 -21.14
CA ASP A 257 9.05 33.12 -20.13
C ASP A 257 7.88 33.81 -20.81
N GLU A 258 7.09 34.55 -20.03
CA GLU A 258 5.97 35.29 -20.60
C GLU A 258 6.38 36.11 -21.83
N GLY A 259 7.44 36.91 -21.71
CA GLY A 259 7.81 37.79 -22.81
C GLY A 259 8.16 37.03 -24.08
N SER A 260 8.96 35.96 -23.97
CA SER A 260 9.42 35.32 -25.21
C SER A 260 8.29 34.50 -25.81
N ALA A 261 7.49 33.86 -24.97
CA ALA A 261 6.33 33.10 -25.46
C ALA A 261 5.31 34.01 -26.13
N THR A 262 5.04 35.17 -25.53
CA THR A 262 4.11 36.10 -26.17
C THR A 262 4.66 36.64 -27.48
N ALA A 263 5.96 36.95 -27.52
CA ALA A 263 6.52 37.46 -28.78
C ALA A 263 6.46 36.40 -29.88
N LEU A 264 6.71 35.13 -29.51
CA LEU A 264 6.61 34.05 -30.49
C LEU A 264 5.18 33.94 -31.02
N ALA A 265 4.21 33.94 -30.12
CA ALA A 265 2.81 33.87 -30.54
C ALA A 265 2.46 35.05 -31.43
N ALA A 266 2.98 36.24 -31.09
CA ALA A 266 2.65 37.41 -31.89
C ALA A 266 3.17 37.27 -33.32
N GLY A 267 4.37 36.71 -33.50
CA GLY A 267 4.87 36.50 -34.85
C GLY A 267 4.17 35.40 -35.63
N LEU A 268 3.29 34.64 -34.99
CA LEU A 268 2.52 33.59 -35.64
C LEU A 268 1.16 34.09 -36.13
N ASP A 269 0.71 35.25 -35.66
CA ASP A 269 -0.58 35.80 -36.07
C ASP A 269 -0.61 35.98 -37.58
N GLY A 270 -1.74 35.59 -38.18
CA GLY A 270 -1.92 35.70 -39.61
C GLY A 270 -1.21 34.67 -40.45
N THR A 271 -0.58 33.66 -39.83
N THR A 271 -0.56 33.67 -39.83
CA THR A 271 0.16 32.62 -40.53
CA THR A 271 0.14 32.63 -40.56
C THR A 271 -0.54 31.27 -40.35
C THR A 271 -0.60 31.30 -40.41
N GLN A 272 -0.19 30.33 -41.22
CA GLN A 272 -0.75 28.98 -41.20
C GLN A 272 0.32 28.00 -40.75
N LEU A 273 -0.09 26.95 -40.04
CA LEU A 273 0.82 25.86 -39.68
C LEU A 273 0.76 24.75 -40.74
N THR A 274 1.77 23.86 -40.72
CA THR A 274 1.90 22.80 -41.71
C THR A 274 2.18 21.47 -41.01
N VAL A 275 1.41 20.44 -41.35
CA VAL A 275 1.62 19.13 -40.74
C VAL A 275 2.94 18.56 -41.27
N ALA A 276 3.87 18.26 -40.37
CA ALA A 276 5.12 17.63 -40.79
C ALA A 276 5.06 16.11 -40.69
N SER A 277 4.63 15.59 -39.54
CA SER A 277 4.54 14.17 -39.23
C SER A 277 3.17 13.86 -38.67
N ALA A 278 2.64 12.70 -39.02
CA ALA A 278 1.39 12.20 -38.43
C ALA A 278 1.46 10.68 -38.43
N GLU A 279 1.37 10.08 -37.24
N GLU A 279 1.35 10.07 -37.25
CA GLU A 279 1.47 8.63 -37.10
CA GLU A 279 1.46 8.63 -37.13
C GLU A 279 0.23 8.09 -36.40
C GLU A 279 0.25 8.07 -36.40
N GLU A 280 -0.23 6.93 -36.88
CA GLU A 280 -1.30 6.16 -36.26
C GLU A 280 -0.73 4.79 -35.93
N LYS A 281 -0.69 4.44 -34.66
CA LYS A 281 -0.06 3.20 -34.23
C LYS A 281 -1.07 2.43 -33.39
N PRO A 282 -1.41 1.19 -33.76
CA PRO A 282 -2.33 0.42 -32.92
C PRO A 282 -1.70 -0.03 -31.61
N TYR A 283 -2.56 -0.18 -30.60
CA TYR A 283 -2.17 -0.77 -29.32
C TYR A 283 -3.22 -1.80 -28.94
N ALA A 284 -2.81 -2.73 -28.08
CA ALA A 284 -3.71 -3.71 -27.50
C ALA A 284 -3.39 -3.76 -26.01
N ARG A 285 -4.40 -3.54 -25.18
CA ARG A 285 -4.26 -3.48 -23.74
C ARG A 285 -4.86 -4.76 -23.15
N ARG A 286 -4.06 -5.48 -22.38
N ARG A 286 -4.04 -5.50 -22.39
CA ARG A 286 -4.49 -6.70 -21.73
CA ARG A 286 -4.50 -6.71 -21.73
C ARG A 286 -5.31 -6.38 -20.47
C ARG A 286 -5.32 -6.37 -20.49
N PRO A 287 -6.26 -7.25 -20.11
CA PRO A 287 -7.05 -7.01 -18.89
C PRO A 287 -6.20 -6.99 -17.63
N TYR A 288 -6.73 -6.33 -16.60
CA TYR A 288 -6.08 -6.38 -15.27
C TYR A 288 -6.14 -7.80 -14.72
N PRO A 289 -5.12 -8.25 -14.00
CA PRO A 289 -5.19 -9.57 -13.37
C PRO A 289 -6.28 -9.59 -12.32
N PRO A 290 -6.72 -10.79 -11.92
CA PRO A 290 -7.62 -10.92 -10.76
C PRO A 290 -6.98 -10.27 -9.53
N PHE A 291 -7.82 -9.82 -8.60
CA PHE A 291 -7.35 -9.14 -7.40
C PHE A 291 -6.45 -10.04 -6.54
N MET A 292 -5.40 -9.45 -5.96
CA MET A 292 -4.76 -10.01 -4.76
C MET A 292 -4.95 -8.98 -3.66
N THR A 293 -4.46 -9.26 -2.44
CA THR A 293 -4.78 -8.35 -1.33
C THR A 293 -4.31 -6.93 -1.62
N SER A 294 -3.10 -6.79 -2.17
N SER A 294 -3.11 -6.78 -2.19
CA SER A 294 -2.57 -5.44 -2.41
CA SER A 294 -2.58 -5.43 -2.40
C SER A 294 -3.45 -4.67 -3.37
C SER A 294 -3.45 -4.66 -3.38
N THR A 295 -3.87 -5.31 -4.48
CA THR A 295 -4.59 -4.54 -5.48
C THR A 295 -6.04 -4.35 -5.07
N LEU A 296 -6.60 -5.29 -4.28
CA LEU A 296 -7.93 -5.06 -3.69
C LEU A 296 -7.93 -3.80 -2.80
N GLN A 297 -6.95 -3.66 -1.92
CA GLN A 297 -6.94 -2.47 -1.06
C GLN A 297 -6.70 -1.22 -1.88
N GLN A 298 -5.81 -1.30 -2.88
CA GLN A 298 -5.59 -0.09 -3.70
C GLN A 298 -6.86 0.35 -4.41
N GLU A 299 -7.54 -0.59 -5.09
CA GLU A 299 -8.71 -0.19 -5.88
C GLU A 299 -9.90 0.13 -4.99
N ALA A 300 -10.08 -0.59 -3.86
CA ALA A 300 -11.18 -0.19 -2.97
C ALA A 300 -10.94 1.21 -2.42
N SER A 301 -9.68 1.59 -2.29
CA SER A 301 -9.38 2.93 -1.77
C SER A 301 -9.63 3.98 -2.85
N ARG A 302 -9.09 3.76 -4.05
CA ARG A 302 -9.23 4.75 -5.12
C ARG A 302 -10.67 4.82 -5.60
N LYS A 303 -11.33 3.68 -5.79
CA LYS A 303 -12.67 3.73 -6.36
C LYS A 303 -13.76 3.89 -5.31
N LEU A 304 -13.73 3.10 -4.23
CA LEU A 304 -14.83 3.11 -3.27
C LEU A 304 -14.58 4.06 -2.10
N ARG A 305 -13.39 4.61 -2.01
CA ARG A 305 -12.92 5.47 -0.92
C ARG A 305 -12.93 4.74 0.43
N PHE A 306 -12.71 3.42 0.42
CA PHE A 306 -12.56 2.69 1.67
C PHE A 306 -11.11 2.77 2.17
N SER A 307 -10.93 3.02 3.47
CA SER A 307 -9.62 2.78 4.07
C SER A 307 -9.22 1.31 3.93
N ALA A 308 -7.89 1.06 3.95
CA ALA A 308 -7.44 -0.33 3.89
C ALA A 308 -8.01 -1.16 5.05
N GLU A 309 -8.08 -0.57 6.26
CA GLU A 309 -8.72 -1.25 7.39
C GLU A 309 -10.18 -1.62 7.09
N ARG A 310 -10.97 -0.68 6.60
CA ARG A 310 -12.36 -0.94 6.23
C ARG A 310 -12.47 -2.03 5.17
N THR A 311 -11.66 -1.94 4.11
CA THR A 311 -11.66 -2.99 3.07
C THR A 311 -11.44 -4.39 3.65
N MET A 312 -10.43 -4.55 4.52
CA MET A 312 -10.14 -5.87 5.09
C MET A 312 -11.22 -6.30 6.07
N SER A 313 -11.84 -5.34 6.81
CA SER A 313 -12.95 -5.70 7.70
CA SER A 313 -12.94 -5.71 7.70
C SER A 313 -14.13 -6.22 6.89
N ILE A 314 -14.43 -5.57 5.77
CA ILE A 314 -15.52 -6.02 4.88
C ILE A 314 -15.17 -7.35 4.27
N ALA A 315 -13.95 -7.46 3.72
CA ALA A 315 -13.56 -8.71 3.06
C ALA A 315 -13.61 -9.90 4.03
N GLN A 316 -13.25 -9.65 5.30
CA GLN A 316 -13.36 -10.73 6.29
C GLN A 316 -14.80 -11.23 6.40
N ARG A 317 -15.77 -10.30 6.45
CA ARG A 317 -17.17 -10.71 6.51
C ARG A 317 -17.58 -11.46 5.26
N LEU A 318 -17.17 -10.97 4.08
CA LEU A 318 -17.57 -11.62 2.85
C LEU A 318 -16.98 -13.03 2.80
N TYR A 319 -15.77 -13.18 3.33
CA TYR A 319 -15.16 -14.50 3.36
C TYR A 319 -15.91 -15.43 4.32
N GLU A 320 -16.10 -14.99 5.56
CA GLU A 320 -16.69 -15.88 6.57
C GLU A 320 -18.14 -16.23 6.26
N ASN A 321 -18.79 -15.45 5.41
CA ASN A 321 -20.19 -15.69 5.05
C ASN A 321 -20.33 -16.36 3.71
N GLY A 322 -19.21 -16.78 3.09
CA GLY A 322 -19.26 -17.61 1.89
C GLY A 322 -19.34 -16.89 0.55
N TYR A 323 -19.02 -15.59 0.49
CA TYR A 323 -19.19 -14.83 -0.75
C TYR A 323 -17.94 -14.77 -1.63
N ILE A 324 -16.74 -14.80 -1.04
CA ILE A 324 -15.49 -14.63 -1.76
C ILE A 324 -14.46 -15.63 -1.24
N THR A 325 -13.40 -15.84 -2.02
CA THR A 325 -12.25 -16.60 -1.52
C THR A 325 -11.43 -15.82 -0.51
N TYR A 326 -10.49 -16.54 0.12
CA TYR A 326 -9.70 -16.00 1.22
C TYR A 326 -8.97 -14.71 0.83
N MET A 327 -9.07 -13.71 1.69
CA MET A 327 -8.72 -12.34 1.32
C MET A 327 -7.26 -11.98 1.66
N ARG A 328 -6.45 -12.91 2.14
CA ARG A 328 -5.02 -12.60 2.41
C ARG A 328 -4.24 -13.46 1.46
N THR A 329 -3.86 -12.90 0.33
CA THR A 329 -3.25 -13.73 -0.73
C THR A 329 -2.32 -12.85 -1.53
N ASP A 330 -1.22 -13.44 -1.99
CA ASP A 330 -0.41 -12.77 -3.00
C ASP A 330 -0.54 -13.44 -4.37
N SER A 331 -1.53 -14.31 -4.55
CA SER A 331 -1.71 -14.97 -5.83
C SER A 331 -2.73 -14.21 -6.67
N THR A 332 -2.49 -14.16 -7.97
CA THR A 332 -3.52 -13.73 -8.90
C THR A 332 -4.00 -14.87 -9.78
N THR A 333 -3.73 -16.10 -9.38
CA THR A 333 -4.16 -17.28 -10.14
C THR A 333 -5.63 -17.61 -9.90
N LEU A 334 -6.33 -18.04 -10.94
CA LEU A 334 -7.69 -18.54 -10.82
C LEU A 334 -7.71 -20.02 -11.11
N SER A 335 -8.53 -20.74 -10.37
CA SER A 335 -8.77 -22.15 -10.64
C SER A 335 -9.50 -22.31 -11.96
N GLU A 336 -9.35 -23.50 -12.55
CA GLU A 336 -10.04 -23.78 -13.82
C GLU A 336 -11.54 -23.55 -13.72
N SER A 337 -12.16 -23.92 -12.58
CA SER A 337 -13.60 -23.69 -12.47
C SER A 337 -13.92 -22.19 -12.42
N ALA A 338 -13.08 -21.39 -11.78
CA ALA A 338 -13.35 -19.96 -11.70
C ALA A 338 -13.06 -19.25 -13.02
N ILE A 339 -12.05 -19.69 -13.79
CA ILE A 339 -11.87 -19.17 -15.15
C ILE A 339 -13.11 -19.42 -16.01
N ASN A 340 -13.65 -20.64 -15.95
CA ASN A 340 -14.82 -20.96 -16.76
C ASN A 340 -16.06 -20.19 -16.29
N ALA A 341 -16.20 -19.97 -14.98
CA ALA A 341 -17.33 -19.22 -14.45
C ALA A 341 -17.26 -17.74 -14.88
N ALA A 342 -16.09 -17.14 -14.79
CA ALA A 342 -15.92 -15.76 -15.26
C ALA A 342 -16.17 -15.64 -16.77
N ARG A 343 -15.63 -16.58 -17.57
CA ARG A 343 -15.77 -16.49 -19.02
C ARG A 343 -17.22 -16.63 -19.41
N THR A 344 -17.95 -17.52 -18.76
CA THR A 344 -19.39 -17.63 -19.04
C THR A 344 -20.14 -16.36 -18.66
N GLN A 345 -19.82 -15.74 -17.53
CA GLN A 345 -20.57 -14.55 -17.17
C GLN A 345 -20.31 -13.41 -18.17
N ALA A 346 -19.03 -13.25 -18.56
CA ALA A 346 -18.68 -12.25 -19.56
C ALA A 346 -19.45 -12.44 -20.87
N ARG A 347 -19.49 -13.67 -21.39
CA ARG A 347 -20.27 -13.96 -22.60
C ARG A 347 -21.75 -13.59 -22.44
N GLN A 348 -22.37 -13.98 -21.31
CA GLN A 348 -23.78 -13.70 -21.10
C GLN A 348 -24.09 -12.21 -20.98
N LEU A 349 -23.18 -11.43 -20.42
CA LEU A 349 -23.45 -10.00 -20.25
CA LEU A 349 -23.46 -10.01 -20.27
C LEU A 349 -22.94 -9.15 -21.41
N TYR A 350 -21.82 -9.53 -22.03
CA TYR A 350 -21.22 -8.69 -23.05
C TYR A 350 -21.08 -9.33 -24.42
N GLY A 351 -21.29 -10.63 -24.58
CA GLY A 351 -21.27 -11.24 -25.90
C GLY A 351 -19.95 -11.91 -26.25
N ASP A 352 -20.01 -12.76 -27.28
CA ASP A 352 -18.87 -13.62 -27.61
C ASP A 352 -17.62 -12.81 -27.93
N GLU A 353 -17.81 -11.64 -28.56
CA GLU A 353 -16.69 -10.79 -28.95
C GLU A 353 -15.90 -10.31 -27.72
N TYR A 354 -16.55 -10.19 -26.58
CA TYR A 354 -15.87 -9.61 -25.42
C TYR A 354 -15.20 -10.66 -24.56
N VAL A 355 -15.34 -11.95 -24.87
CA VAL A 355 -14.63 -12.97 -24.12
C VAL A 355 -13.25 -13.12 -24.75
N ALA A 356 -12.22 -13.28 -23.93
CA ALA A 356 -10.90 -13.54 -24.47
C ALA A 356 -10.94 -14.78 -25.36
N PRO A 357 -10.29 -14.77 -26.52
CA PRO A 357 -10.40 -15.91 -27.44
C PRO A 357 -9.98 -17.24 -26.83
N ALA A 358 -9.01 -17.21 -25.92
CA ALA A 358 -8.48 -18.33 -25.17
C ALA A 358 -8.61 -17.99 -23.70
N PRO A 359 -8.64 -18.99 -22.80
CA PRO A 359 -8.72 -18.66 -21.37
C PRO A 359 -7.43 -18.10 -20.82
N ARG A 360 -7.57 -17.07 -19.96
CA ARG A 360 -6.46 -16.31 -19.40
C ARG A 360 -6.09 -16.81 -18.01
N GLN A 361 -4.84 -17.23 -17.86
CA GLN A 361 -4.29 -17.64 -16.58
C GLN A 361 -3.19 -16.65 -16.23
N TYR A 362 -3.31 -16.04 -15.04
CA TYR A 362 -2.32 -15.08 -14.54
C TYR A 362 -1.44 -15.75 -13.48
N THR A 363 -0.78 -16.85 -13.89
CA THR A 363 -0.03 -17.70 -12.97
C THR A 363 1.26 -16.97 -12.56
N ARG A 364 1.12 -16.07 -11.59
CA ARG A 364 2.26 -15.46 -10.91
C ARG A 364 2.67 -16.37 -9.75
N LYS A 365 3.95 -16.68 -9.66
CA LYS A 365 4.43 -17.64 -8.66
C LYS A 365 4.41 -17.01 -7.27
N VAL A 366 3.78 -17.71 -6.35
CA VAL A 366 3.61 -17.29 -4.97
C VAL A 366 4.77 -17.81 -4.14
N LYS A 367 5.20 -17.02 -3.15
CA LYS A 367 6.36 -17.40 -2.35
C LYS A 367 6.06 -18.59 -1.45
N ASN A 368 4.81 -18.76 -1.02
CA ASN A 368 4.44 -19.96 -0.25
C ASN A 368 3.03 -20.38 -0.65
N ALA A 369 2.97 -21.41 -1.50
CA ALA A 369 1.70 -21.96 -1.98
C ALA A 369 0.91 -22.59 -0.86
N GLN A 370 1.58 -23.07 0.20
CA GLN A 370 0.86 -23.62 1.35
C GLN A 370 -0.08 -22.60 1.97
N GLU A 371 0.24 -21.31 1.91
CA GLU A 371 -0.53 -20.37 2.72
C GLU A 371 -1.70 -19.73 1.99
N ALA A 372 -1.55 -19.45 0.71
CA ALA A 372 -2.71 -18.96 -0.02
C ALA A 372 -2.32 -19.08 -1.47
N HIS A 373 -3.11 -19.81 -2.28
CA HIS A 373 -2.73 -19.94 -3.68
C HIS A 373 -3.78 -19.46 -4.68
N GLU A 374 -4.88 -18.80 -4.25
CA GLU A 374 -5.84 -18.33 -5.26
C GLU A 374 -6.08 -16.81 -5.15
N ALA A 375 -6.38 -16.18 -6.27
CA ALA A 375 -6.80 -14.78 -6.25
C ALA A 375 -8.03 -14.60 -5.35
N ILE A 376 -8.34 -13.34 -5.05
CA ILE A 376 -9.58 -12.98 -4.38
C ILE A 376 -10.65 -12.87 -5.45
N ARG A 377 -11.67 -13.71 -5.36
CA ARG A 377 -12.71 -13.79 -6.39
C ARG A 377 -14.00 -14.24 -5.72
N PRO A 378 -15.14 -14.14 -6.41
CA PRO A 378 -16.39 -14.64 -5.82
C PRO A 378 -16.29 -16.14 -5.52
N ALA A 379 -16.91 -16.55 -4.44
CA ALA A 379 -16.84 -17.97 -4.11
C ALA A 379 -17.74 -18.83 -5.03
N GLY A 380 -17.39 -20.12 -5.13
CA GLY A 380 -18.29 -21.10 -5.70
C GLY A 380 -18.00 -21.40 -7.17
N GLU A 381 -18.64 -22.47 -7.65
CA GLU A 381 -18.39 -22.94 -9.01
C GLU A 381 -19.09 -22.03 -10.02
N THR A 382 -20.18 -21.38 -9.59
CA THR A 382 -20.82 -20.32 -10.33
CA THR A 382 -20.82 -20.32 -10.33
C THR A 382 -20.88 -19.10 -9.41
N PHE A 383 -20.48 -17.94 -9.91
CA PHE A 383 -20.50 -16.75 -9.08
C PHE A 383 -21.91 -16.20 -8.98
N ALA A 384 -22.31 -15.80 -7.77
CA ALA A 384 -23.57 -15.06 -7.62
C ALA A 384 -23.47 -13.67 -8.26
N THR A 385 -24.49 -13.26 -9.08
CA THR A 385 -24.34 -11.93 -9.68
C THR A 385 -24.52 -10.88 -8.58
N PRO A 386 -24.04 -9.67 -8.82
CA PRO A 386 -24.40 -8.57 -7.89
C PRO A 386 -25.89 -8.32 -7.78
N ASP A 387 -26.63 -8.30 -8.90
CA ASP A 387 -28.07 -8.09 -8.82
C ASP A 387 -28.73 -9.12 -7.90
N ALA A 388 -28.23 -10.37 -7.95
CA ALA A 388 -28.77 -11.47 -7.14
C ALA A 388 -28.49 -11.26 -5.65
N VAL A 389 -27.39 -10.58 -5.35
CA VAL A 389 -26.82 -10.42 -4.02
C VAL A 389 -27.18 -9.07 -3.45
N ARG A 390 -27.80 -8.19 -4.25
CA ARG A 390 -28.01 -6.84 -3.79
C ARG A 390 -29.06 -6.82 -2.70
N ARG A 391 -30.04 -7.73 -2.78
CA ARG A 391 -31.08 -7.81 -1.76
C ARG A 391 -30.55 -8.33 -0.42
N GLU A 392 -29.79 -9.45 -0.42
CA GLU A 392 -29.22 -9.99 0.82
C GLU A 392 -28.32 -9.00 1.54
N LEU A 393 -27.61 -8.18 0.80
CA LEU A 393 -26.61 -7.28 1.35
C LEU A 393 -27.07 -5.82 1.29
N ASP A 394 -28.37 -5.56 1.41
CA ASP A 394 -28.85 -4.19 1.48
C ASP A 394 -28.75 -3.65 2.92
N GLY A 395 -29.29 -2.43 3.12
CA GLY A 395 -29.37 -1.84 4.44
C GLY A 395 -28.00 -1.67 5.09
N PRO A 396 -27.83 -2.25 6.28
CA PRO A 396 -26.54 -2.11 6.98
C PRO A 396 -25.41 -2.89 6.34
N ASN A 397 -25.68 -3.75 5.36
CA ASN A 397 -24.60 -4.51 4.74
C ASN A 397 -24.16 -3.93 3.38
N ILE A 398 -24.47 -2.65 3.10
CA ILE A 398 -24.16 -2.03 1.81
C ILE A 398 -22.65 -2.05 1.50
N ASP A 399 -21.79 -1.79 2.50
CA ASP A 399 -20.34 -1.90 2.24
C ASP A 399 -19.96 -3.27 1.65
N ASP A 400 -20.54 -4.33 2.20
CA ASP A 400 -20.24 -5.68 1.74
C ASP A 400 -20.66 -5.85 0.29
N PHE A 401 -21.83 -5.31 -0.06
CA PHE A 401 -22.29 -5.39 -1.44
C PHE A 401 -21.30 -4.67 -2.35
N ARG A 402 -20.90 -3.47 -1.95
CA ARG A 402 -20.07 -2.67 -2.84
C ARG A 402 -18.72 -3.32 -3.07
N LEU A 403 -18.14 -3.91 -2.02
CA LEU A 403 -16.87 -4.57 -2.23
C LEU A 403 -17.04 -5.88 -3.00
N TYR A 404 -18.11 -6.65 -2.71
CA TYR A 404 -18.39 -7.83 -3.52
C TYR A 404 -18.52 -7.49 -5.00
N GLU A 405 -19.27 -6.42 -5.32
CA GLU A 405 -19.41 -6.02 -6.71
C GLU A 405 -18.04 -5.75 -7.38
N LEU A 406 -17.20 -4.97 -6.69
CA LEU A 406 -15.88 -4.64 -7.21
C LEU A 406 -15.10 -5.93 -7.55
N ILE A 407 -15.11 -6.89 -6.62
CA ILE A 407 -14.42 -8.16 -6.83
C ILE A 407 -15.02 -8.95 -8.00
N TRP A 408 -16.36 -9.02 -8.07
CA TRP A 408 -17.00 -9.72 -9.18
C TRP A 408 -16.61 -9.07 -10.50
N GLN A 409 -16.65 -7.75 -10.55
CA GLN A 409 -16.39 -7.05 -11.80
C GLN A 409 -14.95 -7.27 -12.25
N ARG A 410 -14.01 -7.20 -11.30
CA ARG A 410 -12.58 -7.43 -11.60
C ARG A 410 -12.34 -8.83 -12.14
N THR A 411 -12.99 -9.83 -11.54
CA THR A 411 -12.80 -11.22 -11.91
C THR A 411 -13.36 -11.50 -13.29
N VAL A 412 -14.56 -10.98 -13.59
CA VAL A 412 -15.11 -11.18 -14.95
C VAL A 412 -14.24 -10.45 -15.97
N ALA A 413 -13.85 -9.21 -15.68
CA ALA A 413 -13.02 -8.47 -16.63
C ALA A 413 -11.69 -9.18 -16.90
N SER A 414 -11.13 -9.91 -15.93
CA SER A 414 -9.86 -10.58 -16.15
C SER A 414 -9.94 -11.68 -17.22
N GLN A 415 -11.14 -12.15 -17.58
CA GLN A 415 -11.26 -13.15 -18.62
C GLN A 415 -11.80 -12.59 -19.93
N MET A 416 -11.85 -11.27 -20.07
CA MET A 416 -12.40 -10.64 -21.27
C MET A 416 -11.31 -10.29 -22.28
N ALA A 417 -11.74 -9.95 -23.51
CA ALA A 417 -10.81 -9.67 -24.61
C ALA A 417 -10.02 -8.37 -24.39
N ASP A 418 -8.83 -8.30 -24.99
CA ASP A 418 -8.02 -7.08 -24.93
C ASP A 418 -8.79 -5.86 -25.45
N ALA A 419 -8.50 -4.69 -24.89
CA ALA A 419 -8.99 -3.46 -25.48
C ALA A 419 -8.08 -3.05 -26.64
N ARG A 420 -8.65 -2.38 -27.65
CA ARG A 420 -7.90 -1.98 -28.83
C ARG A 420 -8.14 -0.52 -29.17
N GLY A 421 -7.12 0.14 -29.70
CA GLY A 421 -7.33 1.45 -30.27
C GLY A 421 -6.08 1.92 -30.97
N MET A 422 -6.01 3.25 -31.15
CA MET A 422 -4.94 3.88 -31.91
C MET A 422 -4.24 4.88 -31.00
N THR A 423 -2.91 4.86 -30.96
CA THR A 423 -2.17 5.96 -30.35
C THR A 423 -1.80 6.94 -31.46
N LEU A 424 -2.00 8.23 -31.21
CA LEU A 424 -1.90 9.24 -32.26
C LEU A 424 -0.80 10.24 -31.93
N SER A 425 0.03 10.56 -32.92
CA SER A 425 1.08 11.57 -32.76
C SER A 425 1.02 12.53 -33.94
N LEU A 426 1.45 13.76 -33.69
CA LEU A 426 1.31 14.83 -34.68
C LEU A 426 2.44 15.82 -34.42
N ARG A 427 3.22 16.11 -35.45
CA ARG A 427 4.28 17.11 -35.43
C ARG A 427 3.97 18.18 -36.47
N ILE A 428 3.91 19.44 -36.04
CA ILE A 428 3.36 20.55 -36.83
C ILE A 428 4.37 21.69 -36.82
N THR A 429 4.67 22.24 -38.00
CA THR A 429 5.73 23.25 -38.09
C THR A 429 5.16 24.57 -38.57
N GLY A 430 5.74 25.67 -38.08
CA GLY A 430 5.39 27.00 -38.57
C GLY A 430 6.55 27.98 -38.51
N MET A 431 6.26 29.25 -38.71
CA MET A 431 7.30 30.26 -38.69
C MET A 431 6.79 31.52 -37.99
N SER A 432 7.51 31.93 -36.94
CA SER A 432 7.21 33.10 -36.14
C SER A 432 8.32 34.10 -36.42
N GLY A 433 8.08 35.03 -37.32
CA GLY A 433 9.16 35.90 -37.76
C GLY A 433 10.25 35.10 -38.46
N HIS A 434 11.45 35.09 -37.91
CA HIS A 434 12.55 34.38 -38.55
C HIS A 434 12.80 33.02 -37.93
N GLN A 435 11.99 32.61 -36.97
CA GLN A 435 12.27 31.42 -36.17
C GLN A 435 11.27 30.34 -36.50
N GLU A 436 11.75 29.17 -36.91
CA GLU A 436 10.89 28.02 -37.07
C GLU A 436 10.40 27.56 -35.69
N VAL A 437 9.10 27.27 -35.58
CA VAL A 437 8.51 26.70 -34.38
C VAL A 437 7.92 25.34 -34.71
N VAL A 438 7.95 24.44 -33.73
CA VAL A 438 7.30 23.13 -33.82
C VAL A 438 6.21 23.06 -32.78
N PHE A 439 5.05 22.52 -33.17
CA PHE A 439 3.91 22.29 -32.28
C PHE A 439 3.62 20.79 -32.24
N SER A 440 3.24 20.27 -31.07
CA SER A 440 3.00 18.84 -30.94
C SER A 440 1.64 18.57 -30.33
N ALA A 441 1.06 17.45 -30.75
CA ALA A 441 -0.20 16.99 -30.20
C ALA A 441 -0.16 15.47 -30.19
N THR A 442 -0.86 14.89 -29.21
CA THR A 442 -1.00 13.44 -29.11
C THR A 442 -2.46 13.11 -28.89
N GLY A 443 -2.76 11.82 -28.91
CA GLY A 443 -4.15 11.41 -28.94
C GLY A 443 -4.20 9.91 -28.76
N ARG A 444 -5.39 9.44 -28.45
CA ARG A 444 -5.59 8.00 -28.21
C ARG A 444 -7.05 7.68 -28.45
N THR A 445 -7.31 6.64 -29.24
CA THR A 445 -8.68 6.18 -29.44
C THR A 445 -8.86 4.87 -28.70
N LEU A 446 -10.13 4.52 -28.51
CA LEU A 446 -10.55 3.23 -27.96
C LEU A 446 -11.58 2.73 -28.96
N THR A 447 -11.12 2.01 -29.99
CA THR A 447 -11.99 1.44 -31.00
C THR A 447 -12.72 0.20 -30.50
N PHE A 448 -12.22 -0.45 -29.45
CA PHE A 448 -12.86 -1.65 -28.92
C PHE A 448 -12.62 -1.73 -27.41
N PRO A 449 -13.66 -1.60 -26.60
CA PRO A 449 -13.45 -1.52 -25.14
C PRO A 449 -12.93 -2.82 -24.53
N GLY A 450 -13.26 -3.97 -25.10
CA GLY A 450 -12.89 -5.21 -24.44
C GLY A 450 -13.28 -5.22 -22.95
N PHE A 451 -12.34 -5.70 -22.13
CA PHE A 451 -12.55 -5.81 -20.69
C PHE A 451 -12.87 -4.48 -20.01
N LEU A 452 -12.54 -3.35 -20.64
CA LEU A 452 -12.82 -2.07 -20.01
C LEU A 452 -14.32 -1.78 -19.92
N LYS A 453 -15.14 -2.48 -20.67
CA LYS A 453 -16.57 -2.36 -20.46
C LYS A 453 -16.97 -2.90 -19.08
N ALA A 454 -16.19 -3.84 -18.53
CA ALA A 454 -16.51 -4.42 -17.22
C ALA A 454 -15.69 -3.84 -16.07
N TYR A 455 -14.44 -3.44 -16.29
CA TYR A 455 -13.61 -2.90 -15.22
C TYR A 455 -12.64 -1.90 -15.81
N VAL A 456 -12.56 -0.71 -15.20
CA VAL A 456 -11.54 0.30 -15.44
C VAL A 456 -10.93 0.71 -14.11
N GLU A 457 -9.60 0.68 -13.99
CA GLU A 457 -8.97 1.10 -12.75
C GLU A 457 -9.16 2.61 -12.52
N THR A 458 -9.14 3.01 -11.24
CA THR A 458 -9.33 4.41 -10.88
C THR A 458 -7.96 5.04 -10.64
N VAL A 459 -7.76 6.26 -11.18
CA VAL A 459 -6.42 6.87 -11.05
C VAL A 459 -6.26 7.38 -9.62
N ASP A 460 -5.02 7.33 -9.11
CA ASP A 460 -4.73 7.88 -7.79
C ASP A 460 -5.01 9.38 -7.79
N GLU A 461 -5.76 9.82 -6.79
CA GLU A 461 -6.29 11.16 -6.74
C GLU A 461 -5.18 12.21 -6.59
N LEU A 462 -4.04 11.84 -6.00
CA LEU A 462 -2.92 12.75 -5.76
C LEU A 462 -1.89 12.71 -6.88
N VAL A 463 -1.66 11.53 -7.48
CA VAL A 463 -0.75 11.44 -8.62
C VAL A 463 -1.41 11.98 -9.88
N GLY A 464 -2.73 11.78 -10.05
CA GLY A 464 -3.42 12.18 -11.26
C GLY A 464 -3.02 11.29 -12.44
N GLY A 465 -3.58 11.61 -13.60
CA GLY A 465 -3.29 10.88 -14.83
C GLY A 465 -4.57 10.57 -15.58
N GLU A 466 -4.40 9.90 -16.73
CA GLU A 466 -5.56 9.55 -17.54
C GLU A 466 -6.02 8.13 -17.27
N ALA A 467 -7.34 7.95 -17.16
CA ALA A 467 -7.90 6.60 -16.99
C ALA A 467 -7.69 5.77 -18.26
N ASP A 468 -7.60 4.44 -18.09
CA ASP A 468 -7.33 3.53 -19.22
C ASP A 468 -8.38 3.59 -20.34
N ASP A 469 -9.59 4.08 -20.09
CA ASP A 469 -10.62 4.15 -21.13
C ASP A 469 -10.81 5.56 -21.67
N ALA A 470 -10.03 6.53 -21.22
CA ALA A 470 -10.16 7.89 -21.72
C ALA A 470 -9.66 7.97 -23.16
N GLU A 471 -10.31 8.84 -23.93
CA GLU A 471 -10.01 9.01 -25.34
C GLU A 471 -9.66 10.48 -25.58
N ARG A 472 -8.64 10.71 -26.41
CA ARG A 472 -8.26 12.05 -26.86
C ARG A 472 -8.23 12.05 -28.39
N ARG A 473 -9.26 12.61 -29.03
CA ARG A 473 -9.42 12.48 -30.47
C ARG A 473 -8.63 13.54 -31.23
N LEU A 474 -8.18 13.16 -32.42
CA LEU A 474 -7.43 14.03 -33.34
C LEU A 474 -7.90 13.69 -34.74
N PRO A 475 -8.09 14.70 -35.60
CA PRO A 475 -8.45 14.41 -36.99
C PRO A 475 -7.34 13.66 -37.70
N HIS A 476 -7.73 12.99 -38.79
CA HIS A 476 -6.76 12.33 -39.64
C HIS A 476 -6.14 13.40 -40.55
N LEU A 477 -4.80 13.49 -40.55
CA LEU A 477 -4.09 14.55 -41.25
C LEU A 477 -2.93 13.95 -42.03
N THR A 478 -2.49 14.68 -43.04
CA THR A 478 -1.48 14.20 -43.98
C THR A 478 -0.29 15.16 -44.02
N PRO A 479 0.94 14.63 -44.07
CA PRO A 479 2.12 15.52 -44.11
C PRO A 479 2.00 16.52 -45.25
N GLY A 480 2.19 17.80 -44.92
CA GLY A 480 2.06 18.89 -45.87
C GLY A 480 0.72 19.60 -45.83
N GLN A 481 -0.23 19.09 -45.06
CA GLN A 481 -1.54 19.72 -44.95
C GLN A 481 -1.44 21.03 -44.18
N ARG A 482 -2.10 22.07 -44.70
CA ARG A 482 -2.15 23.36 -44.02
C ARG A 482 -3.22 23.36 -42.91
N LEU A 483 -2.95 24.14 -41.84
CA LEU A 483 -3.88 24.36 -40.74
C LEU A 483 -3.96 25.84 -40.41
N ASP A 484 -5.18 26.31 -40.10
CA ASP A 484 -5.42 27.64 -39.58
C ASP A 484 -5.34 27.67 -38.07
N ILE A 485 -4.95 28.83 -37.54
CA ILE A 485 -4.83 29.05 -36.09
C ILE A 485 -6.09 29.77 -35.59
N VAL A 486 -6.85 29.12 -34.70
CA VAL A 486 -8.01 29.76 -34.09
C VAL A 486 -7.60 30.71 -32.98
N GLU A 487 -6.81 30.19 -32.03
CA GLU A 487 -6.43 30.93 -30.85
C GLU A 487 -5.00 30.54 -30.50
N LEU A 488 -4.26 31.51 -30.00
CA LEU A 488 -2.91 31.32 -29.51
C LEU A 488 -2.86 31.86 -28.11
N THR A 489 -2.35 31.07 -27.17
CA THR A 489 -2.33 31.43 -25.76
C THR A 489 -0.97 31.16 -25.14
N PRO A 490 -0.17 32.20 -24.93
CA PRO A 490 1.04 32.04 -24.10
C PRO A 490 0.60 31.54 -22.73
N ASP A 491 1.24 30.46 -22.29
CA ASP A 491 0.77 29.65 -21.17
C ASP A 491 1.89 29.46 -20.15
N GLY A 492 1.63 29.88 -18.92
CA GLY A 492 2.60 29.81 -17.85
C GLY A 492 2.40 28.63 -16.93
N HIS A 493 3.52 28.09 -16.45
CA HIS A 493 3.51 26.86 -15.67
C HIS A 493 4.51 26.94 -14.52
N ALA A 494 4.30 26.10 -13.51
CA ALA A 494 5.29 25.97 -12.45
C ALA A 494 5.45 24.49 -12.13
N THR A 495 6.66 24.07 -11.79
CA THR A 495 6.81 22.66 -11.39
C THR A 495 6.14 22.42 -10.05
N ASN A 496 5.75 21.17 -9.80
CA ASN A 496 4.96 20.81 -8.63
C ASN A 496 5.76 19.88 -7.72
N PRO A 497 5.59 19.98 -6.40
CA PRO A 497 6.31 19.07 -5.49
C PRO A 497 5.82 17.64 -5.65
N PRO A 498 6.62 16.65 -5.29
CA PRO A 498 6.21 15.25 -5.46
C PRO A 498 4.97 15.00 -4.61
N ALA A 499 4.05 14.20 -5.16
CA ALA A 499 2.75 13.92 -4.56
C ALA A 499 2.87 13.23 -3.20
N ARG A 500 1.98 13.58 -2.27
CA ARG A 500 1.87 12.79 -1.02
C ARG A 500 1.31 11.40 -1.34
N TYR A 501 1.50 10.48 -0.40
CA TYR A 501 0.91 9.14 -0.55
C TYR A 501 -0.55 9.16 -0.15
N THR A 502 -1.38 8.37 -0.87
CA THR A 502 -2.69 7.98 -0.36
C THR A 502 -2.54 6.64 0.35
N GLU A 503 -3.65 6.12 0.93
CA GLU A 503 -3.52 4.77 1.45
C GLU A 503 -3.23 3.79 0.31
N ALA A 504 -3.86 4.02 -0.85
CA ALA A 504 -3.61 3.18 -2.01
C ALA A 504 -2.14 3.21 -2.41
N SER A 505 -1.53 4.42 -2.45
CA SER A 505 -0.18 4.42 -3.02
C SER A 505 0.82 3.99 -1.95
N LEU A 506 0.46 4.09 -0.67
CA LEU A 506 1.37 3.53 0.36
C LEU A 506 1.37 1.99 0.33
N VAL A 507 0.19 1.38 0.16
CA VAL A 507 0.13 -0.09 -0.03
C VAL A 507 1.01 -0.48 -1.23
N LYS A 508 0.85 0.24 -2.35
CA LYS A 508 1.67 -0.09 -3.52
C LYS A 508 3.16 0.01 -3.20
N ALA A 509 3.57 1.03 -2.47
CA ALA A 509 5.00 1.12 -2.15
C ALA A 509 5.45 0.02 -1.17
N LEU A 510 4.62 -0.28 -0.15
CA LEU A 510 4.99 -1.38 0.76
C LEU A 510 5.14 -2.69 0.02
N GLU A 511 4.30 -2.91 -1.00
CA GLU A 511 4.42 -4.13 -1.80
C GLU A 511 5.66 -4.08 -2.68
N GLU A 512 5.88 -2.95 -3.37
CA GLU A 512 7.04 -2.90 -4.28
C GLU A 512 8.37 -2.88 -3.54
N LEU A 513 8.43 -2.28 -2.34
CA LEU A 513 9.66 -2.35 -1.57
C LEU A 513 9.85 -3.69 -0.88
N GLY A 514 8.86 -4.56 -0.91
CA GLY A 514 9.00 -5.88 -0.30
C GLY A 514 8.89 -5.83 1.21
N ILE A 515 8.29 -4.79 1.76
CA ILE A 515 8.18 -4.59 3.20
C ILE A 515 6.83 -5.06 3.74
N GLY A 516 5.75 -4.86 3.00
CA GLY A 516 4.44 -5.33 3.39
C GLY A 516 4.19 -6.75 2.95
N ARG A 517 3.20 -7.40 3.57
CA ARG A 517 2.71 -8.71 3.17
C ARG A 517 1.18 -8.62 3.14
N PRO A 518 0.51 -9.55 2.44
CA PRO A 518 -0.96 -9.53 2.45
C PRO A 518 -1.54 -9.39 3.83
N SER A 519 -0.99 -10.10 4.82
CA SER A 519 -1.53 -10.00 6.16
C SER A 519 -1.17 -8.72 6.92
N THR A 520 -0.23 -7.91 6.42
CA THR A 520 0.23 -6.74 7.18
C THR A 520 -0.09 -5.38 6.54
N TYR A 521 -0.42 -5.28 5.24
CA TYR A 521 -0.57 -3.94 4.65
C TYR A 521 -1.53 -3.10 5.48
N SER A 522 -2.70 -3.64 5.80
CA SER A 522 -3.69 -2.79 6.41
C SER A 522 -3.42 -2.54 7.88
N SER A 523 -2.84 -3.52 8.58
CA SER A 523 -2.52 -3.28 9.98
C SER A 523 -1.38 -2.25 10.13
N ILE A 524 -0.38 -2.28 9.22
CA ILE A 524 0.66 -1.23 9.25
C ILE A 524 0.01 0.15 9.08
N ILE A 525 -0.85 0.28 8.05
CA ILE A 525 -1.41 1.58 7.73
C ILE A 525 -2.36 2.06 8.81
N LYS A 526 -3.14 1.13 9.40
CA LYS A 526 -3.97 1.54 10.53
C LYS A 526 -3.14 1.92 11.75
N THR A 527 -2.07 1.17 12.07
CA THR A 527 -1.38 1.42 13.32
CA THR A 527 -1.39 1.44 13.34
C THR A 527 -0.61 2.75 13.28
N ILE A 528 -0.04 3.09 12.12
CA ILE A 528 0.71 4.34 12.07
C ILE A 528 -0.21 5.54 12.20
N GLN A 529 -1.50 5.38 11.88
CA GLN A 529 -2.45 6.45 12.11
C GLN A 529 -2.97 6.47 13.54
N ASP A 530 -3.12 5.30 14.18
CA ASP A 530 -3.71 5.27 15.53
C ASP A 530 -2.72 5.73 16.57
N ARG A 531 -1.45 5.33 16.43
CA ARG A 531 -0.43 5.77 17.39
C ARG A 531 0.03 7.21 17.16
N GLY A 532 -0.66 7.94 16.28
CA GLY A 532 -0.37 9.37 16.11
C GLY A 532 0.80 9.68 15.22
N TYR A 533 1.36 8.71 14.56
CA TYR A 533 2.43 9.10 13.67
C TYR A 533 1.88 9.84 12.44
N VAL A 534 0.67 9.50 11.95
CA VAL A 534 0.31 9.90 10.59
C VAL A 534 -1.14 10.35 10.62
N HIS A 535 -1.48 11.46 9.98
CA HIS A 535 -2.91 11.67 9.89
C HIS A 535 -3.33 11.92 8.45
N LYS A 536 -4.64 12.04 8.24
CA LYS A 536 -5.22 12.17 6.92
C LYS A 536 -5.71 13.57 6.66
N LYS A 537 -5.30 14.12 5.53
CA LYS A 537 -5.76 15.41 5.03
C LYS A 537 -6.43 15.05 3.71
N GLY A 538 -7.76 14.96 3.73
CA GLY A 538 -8.47 14.40 2.60
C GLY A 538 -8.03 12.97 2.41
N SER A 539 -7.52 12.63 1.25
CA SER A 539 -7.02 11.28 1.01
C SER A 539 -5.51 11.16 1.22
N ALA A 540 -4.84 12.26 1.55
CA ALA A 540 -3.38 12.27 1.75
C ALA A 540 -2.98 11.88 3.18
N LEU A 541 -1.93 11.07 3.28
CA LEU A 541 -1.27 10.76 4.55
C LEU A 541 -0.22 11.84 4.85
N VAL A 542 -0.28 12.42 6.04
CA VAL A 542 0.60 13.53 6.41
C VAL A 542 1.26 13.13 7.72
N PRO A 543 2.58 13.17 7.83
CA PRO A 543 3.23 12.84 9.10
C PRO A 543 3.06 13.94 10.13
N SER A 544 2.92 13.54 11.40
CA SER A 544 2.91 14.43 12.54
C SER A 544 4.35 14.83 12.92
N TRP A 545 4.48 15.84 13.77
CA TRP A 545 5.83 16.28 14.11
C TRP A 545 6.55 15.22 14.94
N VAL A 546 5.83 14.51 15.84
CA VAL A 546 6.54 13.47 16.57
C VAL A 546 7.03 12.37 15.63
N ALA A 547 6.32 12.12 14.51
CA ALA A 547 6.88 11.19 13.52
C ALA A 547 8.23 11.66 12.97
N PHE A 548 8.41 12.98 12.80
CA PHE A 548 9.73 13.45 12.39
C PHE A 548 10.75 13.16 13.47
N ALA A 549 10.37 13.37 14.76
CA ALA A 549 11.32 13.19 15.86
C ALA A 549 11.76 11.73 15.95
N VAL A 550 10.78 10.82 15.96
CA VAL A 550 11.12 9.40 16.06
C VAL A 550 11.90 8.92 14.83
N THR A 551 11.46 9.32 13.62
CA THR A 551 12.16 8.88 12.41
C THR A 551 13.60 9.39 12.42
N GLY A 552 13.81 10.64 12.85
CA GLY A 552 15.17 11.16 12.91
C GLY A 552 16.04 10.41 13.89
N LEU A 553 15.49 10.08 15.07
CA LEU A 553 16.26 9.34 16.06
C LEU A 553 16.72 7.99 15.50
N LEU A 554 15.79 7.24 14.87
CA LEU A 554 16.17 5.95 14.30
C LEU A 554 17.17 6.11 13.15
N GLU A 555 16.95 7.08 12.25
CA GLU A 555 17.86 7.30 11.13
C GLU A 555 19.25 7.70 11.59
N GLN A 556 19.32 8.58 12.62
CA GLN A 556 20.63 9.09 13.02
C GLN A 556 21.45 8.10 13.83
N HIS A 557 20.81 7.26 14.63
CA HIS A 557 21.53 6.44 15.60
C HIS A 557 21.29 4.94 15.48
N PHE A 558 20.25 4.50 14.79
CA PHE A 558 19.91 3.07 14.63
C PHE A 558 19.52 2.77 13.17
N GLY A 559 20.27 3.33 12.24
CA GLY A 559 19.82 3.42 10.86
C GLY A 559 19.48 2.08 10.23
N ARG A 560 20.21 1.01 10.59
CA ARG A 560 19.90 -0.28 9.98
C ARG A 560 18.47 -0.73 10.26
N LEU A 561 17.87 -0.27 11.37
CA LEU A 561 16.53 -0.70 11.75
C LEU A 561 15.44 -0.11 10.86
N VAL A 562 15.71 0.97 10.13
CA VAL A 562 14.72 1.61 9.27
C VAL A 562 15.17 1.61 7.83
N ASP A 563 16.20 0.83 7.50
CA ASP A 563 16.65 0.70 6.13
C ASP A 563 15.70 -0.17 5.32
N TYR A 564 15.29 0.34 4.13
CA TYR A 564 14.27 -0.39 3.34
C TYR A 564 14.77 -1.79 2.94
N ASP A 565 16.04 -1.89 2.49
CA ASP A 565 16.55 -3.16 1.98
C ASP A 565 16.75 -4.19 3.10
N PHE A 566 17.27 -3.74 4.26
CA PHE A 566 17.43 -4.64 5.40
C PHE A 566 16.06 -5.14 5.87
N THR A 567 15.07 -4.25 5.89
CA THR A 567 13.72 -4.65 6.29
C THR A 567 13.10 -5.70 5.35
N ALA A 568 13.19 -5.47 4.05
CA ALA A 568 12.67 -6.42 3.07
C ALA A 568 13.40 -7.75 3.18
N ALA A 569 14.73 -7.72 3.41
CA ALA A 569 15.46 -8.99 3.56
C ALA A 569 14.96 -9.75 4.80
N MET A 570 14.71 -9.07 5.92
CA MET A 570 14.14 -9.77 7.08
C MET A 570 12.79 -10.40 6.77
N GLU A 571 11.89 -9.65 6.13
CA GLU A 571 10.61 -10.24 5.74
C GLU A 571 10.80 -11.46 4.84
N ASP A 572 11.78 -11.42 3.91
CA ASP A 572 12.04 -12.59 3.06
CA ASP A 572 12.06 -12.57 3.05
C ASP A 572 12.57 -13.75 3.88
N GLU A 573 13.47 -13.48 4.82
CA GLU A 573 14.00 -14.54 5.70
C GLU A 573 12.93 -15.25 6.52
N LEU A 574 11.97 -14.48 7.08
CA LEU A 574 10.82 -15.10 7.78
C LEU A 574 10.06 -16.02 6.83
N ASP A 575 9.89 -15.60 5.58
CA ASP A 575 9.23 -16.47 4.59
C ASP A 575 10.04 -17.75 4.33
N GLU A 576 11.37 -17.65 4.30
CA GLU A 576 12.19 -18.84 4.14
C GLU A 576 12.00 -19.81 5.32
N ILE A 577 11.82 -19.27 6.54
CA ILE A 577 11.51 -20.14 7.67
C ILE A 577 10.20 -20.87 7.41
N ALA A 578 9.20 -20.13 6.91
CA ALA A 578 7.87 -20.71 6.66
C ALA A 578 7.95 -21.81 5.62
N ALA A 579 8.89 -21.71 4.68
CA ALA A 579 9.08 -22.71 3.64
C ALA A 579 10.00 -23.86 4.06
N GLY A 580 10.55 -23.83 5.28
CA GLY A 580 11.46 -24.86 5.73
C GLY A 580 12.87 -24.77 5.16
N ASN A 581 13.31 -23.57 4.72
CA ASN A 581 14.65 -23.34 4.18
C ASN A 581 15.56 -22.61 5.14
N GLU A 582 15.05 -22.21 6.29
CA GLU A 582 15.82 -21.48 7.31
C GLU A 582 15.20 -21.86 8.65
N ARG A 583 16.04 -22.01 9.66
CA ARG A 583 15.60 -22.48 10.97
C ARG A 583 15.30 -21.29 11.87
N ARG A 584 14.20 -21.42 12.60
CA ARG A 584 13.80 -20.45 13.63
C ARG A 584 14.94 -20.13 14.58
N THR A 585 15.55 -21.16 15.18
CA THR A 585 16.60 -20.91 16.17
C THR A 585 17.81 -20.22 15.52
N ASN A 586 18.25 -20.72 14.35
CA ASN A 586 19.39 -20.09 13.69
C ASN A 586 19.11 -18.61 13.44
N TRP A 587 17.92 -18.31 12.92
CA TRP A 587 17.59 -16.94 12.55
C TRP A 587 17.58 -16.03 13.79
N LEU A 588 16.94 -16.49 14.88
CA LEU A 588 16.85 -15.63 16.07
C LEU A 588 18.22 -15.43 16.71
N ASN A 589 19.03 -16.49 16.77
CA ASN A 589 20.38 -16.34 17.32
C ASN A 589 21.20 -15.32 16.51
N ASN A 590 21.20 -15.46 15.17
CA ASN A 590 21.93 -14.52 14.30
C ASN A 590 21.42 -13.10 14.45
N PHE A 591 20.10 -12.91 14.44
CA PHE A 591 19.55 -11.56 14.53
C PHE A 591 19.81 -10.94 15.91
N TYR A 592 19.58 -11.71 16.98
CA TYR A 592 19.64 -11.08 18.30
C TYR A 592 21.09 -10.97 18.81
N PHE A 593 21.87 -12.03 18.65
CA PHE A 593 23.22 -12.08 19.18
C PHE A 593 24.32 -11.78 18.16
N GLY A 594 23.98 -11.73 16.88
CA GLY A 594 24.96 -11.50 15.84
C GLY A 594 25.38 -12.80 15.19
N GLY A 595 25.70 -12.73 13.89
CA GLY A 595 26.10 -13.92 13.17
C GLY A 595 26.64 -13.55 11.79
N ASP A 596 27.06 -14.56 11.06
CA ASP A 596 27.67 -14.34 9.76
C ASP A 596 26.72 -14.61 8.60
N HIS A 597 25.43 -14.39 8.80
CA HIS A 597 24.42 -14.76 7.82
C HIS A 597 23.55 -13.57 7.51
N GLY A 598 23.11 -13.48 6.25
CA GLY A 598 22.19 -12.45 5.84
C GLY A 598 22.89 -11.44 4.94
N VAL A 599 22.16 -10.39 4.58
CA VAL A 599 22.75 -9.47 3.59
C VAL A 599 23.88 -8.70 4.26
N PRO A 600 24.86 -8.22 3.49
CA PRO A 600 26.03 -7.56 4.10
C PRO A 600 25.60 -6.34 4.89
N ASP A 601 26.17 -6.23 6.12
CA ASP A 601 25.99 -5.06 6.98
C ASP A 601 24.59 -4.96 7.59
N SER A 602 23.84 -6.05 7.57
CA SER A 602 22.56 -6.09 8.25
C SER A 602 22.75 -6.06 9.78
N VAL A 603 21.64 -5.95 10.50
CA VAL A 603 21.70 -6.02 11.96
C VAL A 603 22.45 -7.27 12.41
N ALA A 604 22.11 -8.43 11.86
CA ALA A 604 22.81 -9.67 12.27
C ALA A 604 24.30 -9.58 11.99
N ARG A 605 24.68 -9.13 10.81
CA ARG A 605 26.10 -9.19 10.49
C ARG A 605 26.88 -8.10 11.21
N SER A 606 26.20 -7.07 11.72
CA SER A 606 26.91 -6.04 12.45
C SER A 606 27.10 -6.39 13.93
N GLY A 607 26.54 -7.49 14.41
CA GLY A 607 26.76 -7.87 15.82
C GLY A 607 25.46 -8.16 16.56
N GLY A 608 24.32 -7.97 15.91
CA GLY A 608 23.02 -8.36 16.47
C GLY A 608 22.30 -7.19 17.09
N LEU A 609 20.96 -7.37 17.30
CA LEU A 609 20.13 -6.30 17.87
C LEU A 609 20.62 -5.87 19.25
N LYS A 610 20.91 -6.83 20.13
CA LYS A 610 21.26 -6.50 21.49
C LYS A 610 22.45 -5.55 21.52
N LYS A 611 23.48 -5.84 20.71
CA LYS A 611 24.66 -4.96 20.72
C LYS A 611 24.35 -3.65 20.05
N LEU A 612 23.53 -3.70 19.01
CA LEU A 612 23.25 -2.50 18.21
C LEU A 612 22.56 -1.45 19.06
N VAL A 613 21.53 -1.86 19.81
CA VAL A 613 20.79 -0.92 20.63
C VAL A 613 21.56 -0.55 21.87
N GLY A 614 22.42 -1.43 22.39
CA GLY A 614 23.01 -1.17 23.68
C GLY A 614 24.27 -0.33 23.63
N ILE A 615 24.33 0.60 22.68
CA ILE A 615 25.40 1.56 22.65
C ILE A 615 25.23 2.55 23.79
N ASN A 616 26.15 3.51 23.89
CA ASN A 616 26.04 4.51 24.95
C ASN A 616 25.05 5.58 24.50
N LEU A 617 23.90 5.61 25.17
CA LEU A 617 22.80 6.52 24.85
C LEU A 617 23.00 7.90 25.42
N GLU A 618 23.99 8.08 26.30
CA GLU A 618 24.24 9.39 26.89
C GLU A 618 24.54 10.43 25.82
N GLY A 619 25.13 9.99 24.70
CA GLY A 619 25.45 10.93 23.65
C GLY A 619 24.26 11.42 22.87
N ILE A 620 23.14 10.69 22.92
CA ILE A 620 21.89 11.09 22.27
C ILE A 620 21.21 12.15 23.14
N ASP A 621 21.12 13.36 22.65
CA ASP A 621 20.57 14.43 23.46
C ASP A 621 19.08 14.57 23.13
N ALA A 622 18.23 14.38 24.16
CA ALA A 622 16.78 14.37 23.93
C ALA A 622 16.27 15.70 23.37
N ARG A 623 16.98 16.79 23.68
CA ARG A 623 16.55 18.12 23.26
C ARG A 623 16.65 18.28 21.76
N GLU A 624 17.79 17.89 21.14
CA GLU A 624 17.84 17.92 19.68
C GLU A 624 16.91 16.90 19.04
N VAL A 625 16.72 15.72 19.66
CA VAL A 625 15.81 14.74 19.05
C VAL A 625 14.44 15.33 18.85
N ASN A 626 13.94 16.07 19.85
CA ASN A 626 12.62 16.66 19.74
C ASN A 626 12.64 18.06 19.16
N SER A 627 13.61 18.38 18.30
CA SER A 627 13.71 19.68 17.64
C SER A 627 13.82 19.42 16.15
N ILE A 628 12.84 19.89 15.38
CA ILE A 628 12.86 19.71 13.94
C ILE A 628 13.24 21.02 13.26
N LYS A 629 14.46 21.08 12.72
CA LYS A 629 14.93 22.31 12.09
C LYS A 629 14.13 22.57 10.84
N LEU A 630 13.62 23.81 10.69
CA LEU A 630 12.88 24.17 9.48
C LEU A 630 13.72 25.01 8.52
N PHE A 631 14.14 26.19 8.98
CA PHE A 631 14.87 27.13 8.13
C PHE A 631 15.33 28.26 9.04
N ASP A 632 16.17 29.14 8.49
CA ASP A 632 16.52 30.37 9.16
C ASP A 632 15.51 31.43 8.77
N ASP A 633 15.27 32.38 9.66
CA ASP A 633 14.45 33.55 9.31
C ASP A 633 15.32 34.55 8.53
N THR A 634 14.79 35.75 8.24
CA THR A 634 15.55 36.66 7.38
C THR A 634 16.74 37.26 8.11
N HIS A 635 16.77 37.16 9.43
CA HIS A 635 17.92 37.61 10.20
C HIS A 635 18.97 36.53 10.37
N GLY A 636 18.75 35.33 9.84
CA GLY A 636 19.64 34.21 10.07
C GLY A 636 19.43 33.43 11.35
N ARG A 637 18.32 33.66 12.09
CA ARG A 637 18.05 32.94 13.33
C ARG A 637 17.30 31.66 13.03
N PRO A 638 17.77 30.50 13.52
CA PRO A 638 17.08 29.24 13.19
C PRO A 638 15.69 29.17 13.80
N ILE A 639 14.75 28.67 13.02
CA ILE A 639 13.39 28.40 13.45
C ILE A 639 13.20 26.88 13.43
N TYR A 640 12.64 26.33 14.49
CA TYR A 640 12.45 24.88 14.56
C TYR A 640 11.15 24.58 15.29
N VAL A 641 10.64 23.39 15.03
CA VAL A 641 9.48 22.88 15.76
C VAL A 641 10.02 22.06 16.93
N ARG A 642 9.49 22.29 18.12
CA ARG A 642 9.78 21.45 19.28
C ARG A 642 8.55 20.62 19.59
N VAL A 643 8.77 19.34 19.85
CA VAL A 643 7.71 18.42 20.21
C VAL A 643 7.74 18.34 21.73
N GLY A 644 6.83 19.06 22.36
CA GLY A 644 6.74 19.10 23.82
C GLY A 644 5.74 18.11 24.39
N LYS A 645 5.65 18.10 25.72
CA LYS A 645 4.70 17.21 26.40
C LYS A 645 3.26 17.56 26.04
N ASN A 646 3.00 18.83 25.75
CA ASN A 646 1.66 19.25 25.39
C ASN A 646 1.47 19.41 23.89
N GLY A 647 2.36 18.82 23.09
CA GLY A 647 2.24 18.91 21.66
C GLY A 647 3.25 19.87 21.08
N PRO A 648 3.22 20.04 19.76
CA PRO A 648 4.29 20.76 19.07
C PRO A 648 4.13 22.27 19.16
N TYR A 649 5.27 22.97 19.12
CA TYR A 649 5.25 24.42 19.06
C TYR A 649 6.46 24.91 18.25
N LEU A 650 6.30 26.09 17.65
CA LEU A 650 7.38 26.73 16.91
C LEU A 650 8.28 27.51 17.87
N GLU A 651 9.60 27.48 17.64
CA GLU A 651 10.52 28.20 18.52
C GLU A 651 11.70 28.80 17.74
N ARG A 652 12.21 29.90 18.27
CA ARG A 652 13.42 30.52 17.75
C ARG A 652 14.02 31.34 18.88
N LEU A 653 15.33 31.51 18.85
CA LEU A 653 16.01 32.31 19.86
C LEU A 653 16.16 33.74 19.37
N VAL A 654 15.85 34.71 20.23
CA VAL A 654 15.87 36.12 19.87
C VAL A 654 16.52 36.91 21.00
N ALA A 655 16.92 38.15 20.69
CA ALA A 655 17.56 38.97 21.71
C ALA A 655 16.53 39.48 22.71
N GLY A 656 16.78 39.24 24.00
CA GLY A 656 15.89 39.66 25.05
C GLY A 656 16.03 41.15 25.36
N ASP A 657 15.58 41.51 26.56
CA ASP A 657 15.74 42.89 27.03
C ASP A 657 17.20 43.20 27.34
N THR A 658 17.89 42.24 27.95
CA THR A 658 19.34 42.32 28.16
C THR A 658 20.13 42.04 26.89
N GLY A 659 19.47 41.65 25.80
CA GLY A 659 20.12 41.27 24.58
C GLY A 659 20.55 39.82 24.51
N GLU A 660 20.45 39.09 25.62
CA GLU A 660 20.83 37.69 25.64
C GLU A 660 19.76 36.84 24.95
N PRO A 661 20.09 35.62 24.54
CA PRO A 661 19.11 34.78 23.83
C PRO A 661 17.91 34.46 24.70
N THR A 662 16.71 34.61 24.12
CA THR A 662 15.42 34.41 24.78
C THR A 662 14.55 33.60 23.84
N PRO A 663 13.84 32.59 24.32
CA PRO A 663 12.98 31.79 23.43
C PRO A 663 11.69 32.54 23.09
N GLN A 664 11.39 32.63 21.79
CA GLN A 664 10.09 33.07 21.31
C GLN A 664 9.37 31.83 20.81
N ARG A 665 8.08 31.70 21.15
CA ARG A 665 7.35 30.46 20.89
C ARG A 665 5.96 30.73 20.32
N ALA A 666 5.43 29.71 19.62
CA ALA A 666 4.08 29.77 19.07
C ALA A 666 3.52 28.36 18.96
N ASN A 667 2.36 28.11 19.56
CA ASN A 667 1.90 26.73 19.58
C ASN A 667 1.37 26.32 18.21
N LEU A 668 1.37 25.03 17.95
CA LEU A 668 1.13 24.51 16.62
C LEU A 668 0.09 23.41 16.67
N SER A 669 -0.85 23.45 15.72
CA SER A 669 -1.83 22.40 15.59
C SER A 669 -1.55 21.61 14.32
N ASP A 670 -2.11 20.39 14.25
CA ASP A 670 -2.04 19.66 13.00
C ASP A 670 -2.88 20.27 11.88
N SER A 671 -3.47 21.44 12.08
CA SER A 671 -4.12 22.09 10.95
C SER A 671 -3.09 22.51 9.89
N ILE A 672 -1.84 22.77 10.29
CA ILE A 672 -0.82 23.18 9.34
C ILE A 672 0.06 21.97 9.02
N THR A 673 0.07 21.54 7.76
CA THR A 673 0.93 20.44 7.35
C THR A 673 2.39 20.90 7.31
N PRO A 674 3.33 19.98 7.48
CA PRO A 674 4.74 20.44 7.59
C PRO A 674 5.19 21.22 6.36
N ASP A 675 4.82 20.79 5.15
CA ASP A 675 5.28 21.57 3.99
C ASP A 675 4.51 22.89 3.83
N GLU A 676 3.43 23.10 4.60
CA GLU A 676 2.76 24.40 4.57
C GLU A 676 3.38 25.44 5.51
N LEU A 677 4.18 25.01 6.48
CA LEU A 677 4.77 25.91 7.46
C LEU A 677 6.02 26.50 6.84
N THR A 678 5.79 27.44 5.92
CA THR A 678 6.80 28.28 5.29
C THR A 678 7.32 29.35 6.26
N LEU A 679 8.43 29.99 5.86
CA LEU A 679 8.92 31.15 6.63
C LEU A 679 7.80 32.19 6.82
N GLN A 680 7.03 32.47 5.77
CA GLN A 680 6.00 33.50 5.87
C GLN A 680 4.95 33.12 6.91
N VAL A 681 4.52 31.85 6.89
CA VAL A 681 3.59 31.36 7.89
C VAL A 681 4.20 31.41 9.28
N ALA A 682 5.48 31.05 9.42
CA ALA A 682 6.09 31.08 10.74
C ALA A 682 6.08 32.50 11.31
N GLU A 683 6.45 33.50 10.51
CA GLU A 683 6.44 34.87 11.01
C GLU A 683 5.03 35.30 11.43
N GLU A 684 4.01 34.80 10.74
CA GLU A 684 2.63 35.09 11.13
C GLU A 684 2.30 34.44 12.47
N LEU A 685 2.72 33.19 12.66
CA LEU A 685 2.47 32.58 13.96
C LEU A 685 3.21 33.29 15.07
N PHE A 686 4.41 33.80 14.77
CA PHE A 686 5.22 34.48 15.78
C PHE A 686 4.65 35.85 16.13
N ALA A 687 3.94 36.49 15.20
CA ALA A 687 3.32 37.80 15.48
C ALA A 687 2.25 37.70 16.55
N THR A 688 1.33 36.74 16.40
CA THR A 688 0.27 36.54 17.37
C THR A 688 0.85 36.18 18.74
#